data_5V8R
#
_entry.id   5V8R
#
_cell.length_a   73.534
_cell.length_b   67.635
_cell.length_c   98.112
_cell.angle_alpha   90.00
_cell.angle_beta   104.91
_cell.angle_gamma   90.00
#
_symmetry.space_group_name_H-M   'P 1 21 1'
#
loop_
_entity.id
_entity.type
_entity.pdbx_description
1 polymer 'Botulinum neurotoxin type A'
2 non-polymer 'ZINC ION'
3 non-polymer N-[4-(4-fluorophenyl)-1H-pyrazol-3-yl]-2-sulfanylacetamide
4 water water
#
_entity_poly.entity_id   1
_entity_poly.type   'polypeptide(L)'
_entity_poly.pdbx_seq_one_letter_code
;MGSSHHHHHHSSGLVPRGSHMQFVNKQFNYKDPVNGVDIAYIKIPNVGQMQPVKAFKIHNKIWVIPERDTFTNPEEGDLN
PPPEAKQVPVSYYDSTYLSTDNEKDNYLKGVTKLFERIYSTDLGRMLLTSIVRGIPFWGGSTIDTELKVIDTNCINVIQP
DGSYRSEELNLVIIGPSADIIQFECKSFGHEVLNLTRNGYGSTQYIRFSPDFTFGFEESLEVDTNPLLGAGKFATDPAVT
LAHELIHAGHRLYGIAINPNRVFKVNTNAYYEMSGLEVSFEELRTFGGHDAKFIDSLQENEFRLYYYNKFKDIASTLNKA
KSIVGTTASLQYMKNVFKEKYLLSEDTSGKFSVDKLKFDKLYKMLTEIYTEDNFVKFFKVLNRKTYLNFDKAVFKINIVP
KVNYTIYDGFNLRNTNLAANFNGQNTEINNMNFTKLKNFTGLFE
;
_entity_poly.pdbx_strand_id   A,B
#
loop_
_chem_comp.id
_chem_comp.type
_chem_comp.name
_chem_comp.formula
90J non-polymer N-[4-(4-fluorophenyl)-1H-pyrazol-3-yl]-2-sulfanylacetamide 'C11 H10 F N3 O S'
ZN non-polymer 'ZINC ION' 'Zn 2'
#
# COMPACT_ATOMS: atom_id res chain seq x y z
N HIS A 9 2.35 7.95 28.45
CA HIS A 9 3.18 8.68 27.45
C HIS A 9 4.18 7.72 26.77
N HIS A 10 3.87 6.43 26.78
CA HIS A 10 4.80 5.41 26.27
C HIS A 10 4.50 4.96 24.82
N SER A 11 3.42 4.19 24.60
CA SER A 11 3.18 3.70 23.24
C SER A 11 2.89 4.89 22.32
N SER A 12 3.29 4.72 21.07
CA SER A 12 3.04 5.67 19.97
C SER A 12 1.71 5.45 19.27
N GLY A 13 1.16 4.24 19.42
CA GLY A 13 -0.14 3.93 18.84
C GLY A 13 -0.06 3.97 17.32
N LEU A 14 1.08 3.55 16.79
CA LEU A 14 1.28 3.61 15.34
C LEU A 14 0.43 2.60 14.55
N VAL A 15 -0.11 1.58 15.21
CA VAL A 15 -0.96 0.58 14.54
C VAL A 15 -2.24 0.34 15.29
N PRO A 16 -3.20 1.27 15.19
CA PRO A 16 -4.51 1.09 15.86
C PRO A 16 -5.28 -0.15 15.43
N ARG A 17 -5.17 -0.57 14.17
CA ARG A 17 -5.92 -1.72 13.70
C ARG A 17 -5.04 -2.57 12.82
N GLY A 18 -5.17 -3.88 12.96
CA GLY A 18 -4.37 -4.84 12.18
C GLY A 18 -3.05 -5.09 12.89
N SER A 19 -2.12 -5.70 12.17
CA SER A 19 -0.82 -6.05 12.74
C SER A 19 0.29 -5.07 12.42
N HIS A 20 0.24 -4.39 11.26
CA HIS A 20 1.38 -3.55 10.83
C HIS A 20 0.87 -2.27 10.15
N MET A 21 1.71 -1.25 10.05
CA MET A 21 1.29 0.00 9.41
C MET A 21 0.96 -0.24 7.96
N GLN A 22 0.03 0.53 7.42
CA GLN A 22 -0.46 0.27 6.07
C GLN A 22 0.26 1.04 4.98
N PHE A 23 0.88 2.18 5.32
CA PHE A 23 1.66 2.89 4.30
C PHE A 23 3.15 2.87 4.58
N VAL A 24 3.53 3.24 5.78
CA VAL A 24 4.95 3.23 6.12
C VAL A 24 5.45 1.77 6.28
N ASN A 25 6.57 1.47 5.68
CA ASN A 25 6.97 0.07 5.57
C ASN A 25 7.67 -0.53 6.81
N LYS A 26 8.18 0.30 7.72
CA LYS A 26 8.89 -0.21 8.91
C LYS A 26 8.64 0.68 10.08
N GLN A 27 8.55 0.09 11.27
CA GLN A 27 8.65 0.92 12.48
C GLN A 27 10.11 1.20 12.82
N PHE A 28 10.61 2.30 12.26
CA PHE A 28 12.02 2.61 12.38
C PHE A 28 12.34 3.20 13.76
N ASN A 29 13.56 2.99 14.24
CA ASN A 29 14.12 3.84 15.29
C ASN A 29 15.29 4.57 14.68
N TYR A 30 15.52 5.80 15.12
CA TYR A 30 16.64 6.55 14.55
C TYR A 30 17.96 5.79 14.73
N LYS A 31 18.11 5.04 15.82
CA LYS A 31 19.35 4.26 16.04
C LYS A 31 19.46 2.94 15.27
N ASP A 32 18.39 2.49 14.59
CA ASP A 32 18.47 1.25 13.80
C ASP A 32 19.69 1.33 12.90
N PRO A 33 20.40 0.20 12.69
CA PRO A 33 21.66 0.22 11.89
C PRO A 33 21.43 0.50 10.42
N VAL A 34 22.38 1.15 9.74
N VAL A 34 22.36 1.18 9.75
CA VAL A 34 22.27 1.34 8.29
CA VAL A 34 22.22 1.30 8.30
C VAL A 34 22.38 0.01 7.53
C VAL A 34 22.21 -0.08 7.66
N ASN A 35 21.53 -0.20 6.52
CA ASN A 35 21.59 -1.42 5.72
C ASN A 35 21.58 -0.87 4.28
N GLY A 36 21.61 -1.67 3.24
CA GLY A 36 21.73 -0.96 1.97
C GLY A 36 20.46 -0.26 1.44
N VAL A 37 19.37 -0.42 2.17
CA VAL A 37 18.09 -0.56 1.49
C VAL A 37 17.06 0.47 1.92
N ASP A 38 16.64 0.45 3.19
CA ASP A 38 15.61 1.37 3.65
C ASP A 38 16.11 2.18 4.86
N ILE A 39 17.35 1.87 5.34
CA ILE A 39 18.11 2.78 6.21
C ILE A 39 19.50 2.94 5.64
N ALA A 40 19.88 4.19 5.33
CA ALA A 40 21.15 4.42 4.63
C ALA A 40 21.66 5.82 4.82
N TYR A 41 22.97 5.96 4.77
CA TYR A 41 23.58 7.29 4.57
C TYR A 41 23.37 7.70 3.08
N ILE A 42 22.93 8.93 2.82
CA ILE A 42 22.68 9.33 1.43
C ILE A 42 23.27 10.70 1.15
N LYS A 43 23.37 11.03 -0.13
CA LYS A 43 23.88 12.31 -0.59
C LYS A 43 22.87 12.88 -1.58
N ILE A 44 22.55 14.15 -1.43
CA ILE A 44 21.69 14.82 -2.40
C ILE A 44 22.56 15.32 -3.57
N PRO A 45 22.03 15.26 -4.80
CA PRO A 45 22.70 15.94 -5.91
C PRO A 45 23.05 17.40 -5.56
N ASN A 46 24.25 17.63 -5.02
CA ASN A 46 24.81 18.95 -4.61
C ASN A 46 25.59 18.88 -3.30
N GLN A 49 30.08 20.06 -1.73
CA GLN A 49 29.35 18.80 -1.55
C GLN A 49 28.67 18.81 -0.21
N MET A 50 28.46 17.61 0.32
CA MET A 50 27.91 17.43 1.65
C MET A 50 28.46 16.15 2.27
N GLN A 51 28.48 16.12 3.60
CA GLN A 51 28.71 14.88 4.32
C GLN A 51 27.39 14.10 4.18
N PRO A 52 27.47 12.78 4.05
CA PRO A 52 26.22 12.01 3.89
C PRO A 52 25.34 12.16 5.13
N VAL A 53 24.04 11.98 4.98
CA VAL A 53 23.10 12.15 6.10
C VAL A 53 22.32 10.88 6.24
N LYS A 54 21.99 10.50 7.47
CA LYS A 54 21.18 9.27 7.66
C LYS A 54 19.68 9.48 7.29
N ALA A 55 19.15 8.58 6.47
CA ALA A 55 17.80 8.71 5.90
C ALA A 55 17.07 7.35 5.94
N PHE A 56 15.73 7.36 5.87
CA PHE A 56 14.89 6.21 6.11
C PHE A 56 13.91 6.16 4.97
N LYS A 57 13.77 5.02 4.31
CA LYS A 57 12.84 4.96 3.17
C LYS A 57 11.52 4.45 3.68
N ILE A 58 10.51 5.31 3.80
CA ILE A 58 9.28 4.94 4.46
C ILE A 58 8.33 4.18 3.52
N HIS A 59 8.56 4.32 2.21
CA HIS A 59 7.66 3.72 1.20
C HIS A 59 8.38 3.79 -0.16
N ASN A 60 8.02 2.91 -1.09
CA ASN A 60 8.58 3.04 -2.44
C ASN A 60 8.57 4.54 -2.85
N LYS A 61 9.69 5.04 -3.35
CA LYS A 61 9.79 6.41 -3.89
C LYS A 61 9.81 7.54 -2.84
N ILE A 62 9.80 7.24 -1.54
CA ILE A 62 9.60 8.30 -0.51
C ILE A 62 10.61 8.11 0.64
N TRP A 63 11.48 9.10 0.84
CA TRP A 63 12.49 9.05 1.91
C TRP A 63 12.31 10.18 2.94
N VAL A 64 12.68 9.94 4.19
CA VAL A 64 12.61 10.97 5.22
C VAL A 64 14.01 11.22 5.73
N ILE A 65 14.42 12.48 5.77
CA ILE A 65 15.70 12.85 6.33
C ILE A 65 15.48 13.67 7.58
N PRO A 66 15.67 13.07 8.76
CA PRO A 66 15.38 13.77 10.00
C PRO A 66 16.47 14.77 10.37
N GLU A 67 16.72 15.78 9.54
CA GLU A 67 17.76 16.77 9.80
C GLU A 67 17.25 18.14 9.44
N ARG A 68 17.85 19.18 9.98
CA ARG A 68 17.51 20.53 9.51
C ARG A 68 17.98 20.63 8.07
N ASP A 69 17.22 21.31 7.21
CA ASP A 69 17.66 21.43 5.82
C ASP A 69 18.73 22.53 5.59
N THR A 70 19.99 22.17 5.70
CA THR A 70 21.07 23.08 5.25
C THR A 70 21.59 22.73 3.84
N PHE A 71 20.89 21.83 3.13
CA PHE A 71 21.41 21.18 1.90
C PHE A 71 20.84 21.61 0.56
N THR A 72 19.54 21.79 0.47
CA THR A 72 18.93 21.98 -0.84
C THR A 72 19.16 23.35 -1.45
N ASN A 73 19.65 24.29 -0.64
CA ASN A 73 19.97 25.63 -1.12
C ASN A 73 21.40 26.05 -0.77
N PRO A 74 22.23 26.35 -1.79
CA PRO A 74 23.60 26.83 -1.57
C PRO A 74 23.66 28.04 -0.63
N GLU A 75 22.64 28.88 -0.69
CA GLU A 75 22.61 30.14 0.06
C GLU A 75 21.86 30.06 1.41
N GLU A 76 21.38 28.88 1.77
CA GLU A 76 20.83 28.64 3.10
C GLU A 76 21.55 27.47 3.80
N GLY A 77 22.87 27.60 3.98
CA GLY A 77 23.69 26.52 4.50
C GLY A 77 24.00 26.62 5.98
N ASP A 78 23.21 27.43 6.70
CA ASP A 78 23.47 27.77 8.10
C ASP A 78 22.14 28.04 8.79
N LEU A 79 22.07 27.93 10.11
CA LEU A 79 20.77 28.01 10.80
C LEU A 79 20.59 29.30 11.53
N ASN A 80 21.50 30.23 11.32
CA ASN A 80 21.36 31.44 12.09
C ASN A 80 20.49 32.45 11.37
N PRO A 81 19.71 33.19 12.16
CA PRO A 81 18.75 34.20 11.73
C PRO A 81 19.42 35.32 10.95
N PRO A 82 18.69 35.92 10.00
CA PRO A 82 19.15 37.16 9.37
C PRO A 82 19.06 38.30 10.39
N PRO A 83 19.44 39.53 10.00
CA PRO A 83 19.43 40.64 10.96
C PRO A 83 18.00 41.12 11.26
N VAL A 90 6.18 36.93 10.66
CA VAL A 90 5.73 35.62 11.13
C VAL A 90 6.81 34.55 10.95
N SER A 91 7.73 34.41 11.90
CA SER A 91 8.78 33.40 11.75
C SER A 91 9.43 33.06 13.08
N TYR A 92 10.12 31.94 13.13
CA TYR A 92 10.65 31.44 14.38
C TYR A 92 11.97 30.72 14.23
N TYR A 93 12.94 31.07 15.07
CA TYR A 93 14.27 30.49 14.94
C TYR A 93 14.71 29.83 16.21
N ASP A 94 15.38 28.69 16.04
CA ASP A 94 16.03 27.96 17.12
C ASP A 94 17.10 27.07 16.56
N SER A 95 18.33 27.49 16.65
CA SER A 95 19.42 26.76 16.00
C SER A 95 19.70 25.38 16.61
N THR A 96 19.19 25.13 17.82
CA THR A 96 19.39 23.84 18.50
C THR A 96 18.28 22.81 18.13
N TYR A 97 17.17 23.26 17.56
CA TYR A 97 16.11 22.30 17.23
C TYR A 97 16.58 21.18 16.25
N LEU A 98 16.29 19.93 16.61
CA LEU A 98 16.63 18.75 15.80
C LEU A 98 18.15 18.51 15.72
N SER A 99 18.89 18.85 16.77
CA SER A 99 20.32 18.56 16.75
C SER A 99 20.67 17.25 17.49
N THR A 100 19.79 16.77 18.38
CA THR A 100 20.10 15.54 19.11
C THR A 100 19.39 14.30 18.54
N ASP A 101 19.98 13.14 18.79
CA ASP A 101 19.44 11.92 18.25
C ASP A 101 18.07 11.63 18.80
N ASN A 102 17.78 11.95 20.06
CA ASN A 102 16.40 11.80 20.56
C ASN A 102 15.38 12.59 19.72
N GLU A 103 15.72 13.82 19.38
CA GLU A 103 14.82 14.67 18.58
C GLU A 103 14.66 14.10 17.17
N LYS A 104 15.72 13.53 16.62
CA LYS A 104 15.61 13.00 15.25
C LYS A 104 14.75 11.75 15.25
N ASP A 105 14.86 10.97 16.31
CA ASP A 105 13.98 9.80 16.50
C ASP A 105 12.53 10.25 16.62
N ASN A 106 12.29 11.30 17.39
CA ASN A 106 10.92 11.77 17.58
C ASN A 106 10.32 12.37 16.30
N TYR A 107 11.18 13.00 15.52
CA TYR A 107 10.78 13.60 14.24
C TYR A 107 10.37 12.47 13.28
N LEU A 108 11.17 11.43 13.21
CA LEU A 108 10.89 10.31 12.30
C LEU A 108 9.58 9.61 12.65
N LYS A 109 9.37 9.42 13.96
CA LYS A 109 8.14 8.76 14.43
C LYS A 109 6.96 9.70 14.25
N GLY A 110 7.16 11.00 14.45
CA GLY A 110 6.03 11.93 14.25
C GLY A 110 5.64 12.00 12.76
N VAL A 111 6.63 12.02 11.88
CA VAL A 111 6.33 12.02 10.43
C VAL A 111 5.66 10.68 10.04
N THR A 112 6.12 9.57 10.58
CA THR A 112 5.50 8.27 10.27
C THR A 112 4.03 8.27 10.68
N LYS A 113 3.79 8.77 11.88
CA LYS A 113 2.43 8.85 12.39
C LYS A 113 1.49 9.69 11.54
N LEU A 114 1.96 10.84 11.06
CA LEU A 114 1.13 11.68 10.16
C LEU A 114 0.85 10.99 8.78
N PHE A 115 1.80 10.28 8.21
CA PHE A 115 1.53 9.55 6.97
C PHE A 115 0.50 8.51 7.25
N GLU A 116 0.55 7.82 8.39
CA GLU A 116 -0.52 6.81 8.63
C GLU A 116 -1.87 7.46 8.86
N ARG A 117 -1.90 8.61 9.52
CA ARG A 117 -3.14 9.37 9.72
C ARG A 117 -3.73 9.76 8.37
N ILE A 118 -2.87 10.26 7.51
CA ILE A 118 -3.37 10.66 6.17
C ILE A 118 -3.92 9.42 5.46
N TYR A 119 -3.14 8.35 5.45
CA TYR A 119 -3.51 7.08 4.73
C TYR A 119 -4.74 6.38 5.37
N SER A 120 -5.08 6.75 6.58
CA SER A 120 -6.29 6.15 7.18
C SER A 120 -7.58 6.78 6.60
N THR A 121 -7.47 7.81 5.74
CA THR A 121 -8.69 8.40 5.17
C THR A 121 -8.76 8.00 3.67
N ASP A 122 -9.96 7.86 3.13
CA ASP A 122 -10.05 7.43 1.70
C ASP A 122 -9.32 8.47 0.86
N LEU A 123 -9.47 9.74 1.16
CA LEU A 123 -8.86 10.80 0.33
C LEU A 123 -7.36 10.68 0.40
N GLY A 124 -6.84 10.33 1.58
CA GLY A 124 -5.40 10.24 1.68
C GLY A 124 -4.78 9.06 1.00
N ARG A 125 -5.49 7.93 0.97
CA ARG A 125 -5.00 6.81 0.20
C ARG A 125 -4.96 7.16 -1.31
N MET A 126 -5.97 7.85 -1.79
CA MET A 126 -5.97 8.24 -3.19
C MET A 126 -4.75 9.13 -3.51
N LEU A 127 -4.54 10.16 -2.66
CA LEU A 127 -3.48 11.13 -2.88
C LEU A 127 -2.11 10.47 -2.80
N LEU A 128 -1.87 9.63 -1.77
CA LEU A 128 -0.53 9.08 -1.67
C LEU A 128 -0.30 8.06 -2.79
N THR A 129 -1.36 7.40 -3.23
CA THR A 129 -1.19 6.48 -4.38
C THR A 129 -0.78 7.30 -5.62
N SER A 130 -1.44 8.44 -5.83
CA SER A 130 -1.10 9.27 -7.03
C SER A 130 0.36 9.74 -6.94
N ILE A 131 0.76 10.20 -5.75
CA ILE A 131 2.15 10.62 -5.54
C ILE A 131 3.13 9.53 -5.86
N VAL A 132 2.89 8.33 -5.33
CA VAL A 132 3.84 7.25 -5.61
C VAL A 132 3.88 6.86 -7.06
N ARG A 133 2.76 6.92 -7.76
CA ARG A 133 2.80 6.53 -9.18
C ARG A 133 3.38 7.68 -10.03
N GLY A 134 3.55 8.85 -9.43
CA GLY A 134 3.97 10.05 -10.19
C GLY A 134 5.47 10.21 -10.46
N ILE A 135 6.09 9.18 -11.01
CA ILE A 135 7.55 9.17 -11.21
C ILE A 135 7.96 10.31 -12.18
N PRO A 136 8.97 11.14 -11.80
CA PRO A 136 9.49 12.19 -12.69
C PRO A 136 9.87 11.63 -14.09
N PHE A 137 9.43 12.29 -15.15
CA PHE A 137 9.63 11.81 -16.50
C PHE A 137 11.11 11.68 -16.85
N TRP A 138 11.45 10.66 -17.64
CA TRP A 138 12.82 10.49 -18.12
C TRP A 138 13.03 11.39 -19.31
N GLY A 139 13.20 12.68 -19.09
CA GLY A 139 13.34 13.61 -20.20
C GLY A 139 14.74 14.19 -20.31
N GLY A 140 15.75 13.42 -19.89
CA GLY A 140 17.08 13.98 -19.66
C GLY A 140 17.97 14.03 -20.88
N SER A 141 17.58 13.30 -21.93
CA SER A 141 18.39 13.18 -23.14
C SER A 141 18.23 14.38 -24.04
N THR A 142 19.25 14.69 -24.82
CA THR A 142 19.14 15.72 -25.84
C THR A 142 18.94 15.08 -27.21
N ILE A 143 18.99 13.76 -27.26
CA ILE A 143 18.65 13.01 -28.44
C ILE A 143 17.18 12.59 -28.35
N ASP A 144 16.35 13.12 -29.24
CA ASP A 144 14.90 13.01 -29.06
C ASP A 144 14.37 11.62 -29.36
N THR A 145 15.28 10.65 -29.44
CA THR A 145 14.91 9.27 -29.69
C THR A 145 15.45 8.38 -28.58
N GLU A 146 15.84 9.03 -27.48
CA GLU A 146 16.49 8.36 -26.37
C GLU A 146 15.83 8.84 -25.07
N LEU A 147 15.31 7.90 -24.25
CA LEU A 147 14.85 8.27 -22.89
C LEU A 147 16.06 8.24 -21.97
N LYS A 148 16.13 9.20 -21.05
CA LYS A 148 17.22 9.24 -20.08
C LYS A 148 16.75 9.92 -18.79
N VAL A 149 17.24 9.45 -17.64
CA VAL A 149 16.82 10.01 -16.34
C VAL A 149 17.41 11.40 -16.19
N ILE A 150 16.76 12.25 -15.40
CA ILE A 150 17.35 13.52 -15.03
C ILE A 150 17.94 13.31 -13.64
N ASP A 151 19.22 13.54 -13.45
CA ASP A 151 19.86 13.08 -12.22
C ASP A 151 19.50 13.86 -10.96
N THR A 152 18.94 15.06 -11.11
CA THR A 152 18.38 15.78 -9.96
C THR A 152 17.09 15.16 -9.43
N ASN A 153 16.64 14.10 -10.09
CA ASN A 153 15.51 13.33 -9.59
C ASN A 153 15.94 12.01 -8.89
N CYS A 154 17.20 11.98 -8.46
CA CYS A 154 17.78 10.82 -7.77
C CYS A 154 18.49 11.24 -6.48
N ILE A 155 18.76 10.25 -5.64
CA ILE A 155 19.74 10.44 -4.57
C ILE A 155 20.83 9.36 -4.66
N ASN A 156 21.91 9.54 -3.93
CA ASN A 156 22.98 8.54 -3.93
C ASN A 156 22.95 7.81 -2.60
N VAL A 157 22.72 6.50 -2.66
CA VAL A 157 22.44 5.72 -1.46
C VAL A 157 23.66 4.86 -1.14
N ILE A 158 24.29 5.10 -0.01
CA ILE A 158 25.46 4.33 0.36
C ILE A 158 25.07 2.93 0.84
N GLN A 159 25.88 1.94 0.46
CA GLN A 159 25.64 0.54 0.80
C GLN A 159 26.44 0.08 2.02
N PRO A 160 26.17 -1.15 2.51
CA PRO A 160 26.92 -1.74 3.63
C PRO A 160 28.43 -1.85 3.34
N ASP A 161 28.76 -2.04 2.08
CA ASP A 161 30.17 -2.18 1.68
C ASP A 161 30.83 -0.85 1.30
N GLY A 162 30.05 0.23 1.32
CA GLY A 162 30.63 1.56 1.19
C GLY A 162 30.53 2.12 -0.22
N SER A 163 30.11 1.30 -1.18
CA SER A 163 29.83 1.79 -2.54
C SER A 163 28.52 2.59 -2.55
N TYR A 164 28.34 3.45 -3.56
CA TYR A 164 27.10 4.22 -3.78
C TYR A 164 26.25 3.56 -4.86
N ARG A 165 24.93 3.65 -4.73
CA ARG A 165 24.00 3.23 -5.78
C ARG A 165 23.08 4.43 -6.08
N SER A 166 22.84 4.75 -7.35
CA SER A 166 21.89 5.83 -7.67
C SER A 166 20.43 5.36 -7.60
N GLU A 167 19.57 6.12 -6.94
CA GLU A 167 18.18 5.71 -6.76
C GLU A 167 17.21 6.84 -7.13
N GLU A 168 16.29 6.56 -8.06
CA GLU A 168 15.17 7.47 -8.34
C GLU A 168 14.23 7.53 -7.16
N LEU A 169 13.70 8.72 -6.90
CA LEU A 169 12.68 8.86 -5.88
C LEU A 169 11.72 10.00 -6.26
N ASN A 170 10.58 10.05 -5.57
CA ASN A 170 9.57 11.10 -5.89
C ASN A 170 9.53 12.13 -4.82
N LEU A 171 9.84 11.76 -3.57
CA LEU A 171 9.53 12.68 -2.49
C LEU A 171 10.50 12.52 -1.33
N VAL A 172 10.94 13.65 -0.78
CA VAL A 172 11.83 13.63 0.41
C VAL A 172 11.13 14.52 1.44
N ILE A 173 10.94 14.04 2.68
CA ILE A 173 10.51 14.91 3.76
C ILE A 173 11.77 15.25 4.56
N ILE A 174 11.99 16.53 4.83
CA ILE A 174 13.24 16.95 5.45
C ILE A 174 12.88 18.04 6.49
N GLY A 175 13.73 18.24 7.49
CA GLY A 175 13.41 19.24 8.49
C GLY A 175 13.55 20.64 7.93
N PRO A 176 13.00 21.65 8.64
CA PRO A 176 13.11 23.05 8.20
C PRO A 176 14.54 23.60 8.19
N SER A 177 14.73 24.63 7.36
CA SER A 177 15.99 25.32 7.28
C SER A 177 16.01 26.31 8.48
N ALA A 178 16.58 27.50 8.32
CA ALA A 178 16.72 28.41 9.46
C ALA A 178 15.40 28.83 10.10
N ASP A 179 14.42 29.26 9.31
CA ASP A 179 13.12 29.60 9.86
C ASP A 179 12.36 28.31 10.06
N ILE A 180 12.20 27.92 11.31
CA ILE A 180 11.63 26.64 11.67
C ILE A 180 10.22 26.50 11.16
N ILE A 181 9.45 27.58 11.05
CA ILE A 181 8.06 27.41 10.62
C ILE A 181 7.78 27.78 9.16
N GLN A 182 8.82 27.93 8.36
CA GLN A 182 8.59 28.10 6.93
C GLN A 182 8.48 26.72 6.25
N PHE A 183 7.27 26.24 6.04
CA PHE A 183 7.13 24.92 5.39
C PHE A 183 6.93 25.16 3.90
N GLU A 184 7.45 24.29 3.04
CA GLU A 184 7.27 24.45 1.60
C GLU A 184 7.67 23.19 0.85
N CYS A 185 7.29 23.15 -0.41
CA CYS A 185 7.54 22.00 -1.30
C CYS A 185 8.34 22.58 -2.44
N LYS A 186 9.61 22.20 -2.55
CA LYS A 186 10.51 22.79 -3.55
C LYS A 186 11.24 21.67 -4.27
N SER A 187 11.88 21.96 -5.40
CA SER A 187 12.59 20.92 -6.16
C SER A 187 13.68 21.54 -6.98
N PHE A 188 14.60 20.69 -7.42
CA PHE A 188 15.70 21.17 -8.24
C PHE A 188 15.23 21.46 -9.65
N GLY A 189 15.65 22.61 -10.16
CA GLY A 189 15.33 23.04 -11.51
C GLY A 189 16.26 22.49 -12.59
N HIS A 190 15.83 22.68 -13.83
CA HIS A 190 16.60 22.28 -14.99
C HIS A 190 16.98 23.55 -15.78
N GLU A 191 18.16 23.56 -16.40
CA GLU A 191 18.62 24.78 -17.04
C GLU A 191 17.61 25.25 -18.08
N VAL A 192 17.11 24.30 -18.86
CA VAL A 192 16.21 24.61 -19.97
C VAL A 192 14.73 24.30 -19.62
N LEU A 193 14.44 23.08 -19.19
CA LEU A 193 13.08 22.60 -18.93
C LEU A 193 12.43 23.21 -17.68
N ASN A 194 11.12 23.49 -17.71
CA ASN A 194 10.38 23.84 -16.49
C ASN A 194 9.63 22.61 -15.98
N LEU A 195 10.32 21.77 -15.23
CA LEU A 195 9.78 20.44 -14.92
C LEU A 195 8.46 20.43 -14.15
N THR A 196 8.21 21.43 -13.30
CA THR A 196 6.96 21.43 -12.54
C THR A 196 5.76 21.94 -13.36
N ARG A 197 6.01 22.39 -14.60
CA ARG A 197 4.95 23.01 -15.40
C ARG A 197 4.91 22.52 -16.85
N ASN A 198 5.60 21.42 -17.17
CA ASN A 198 5.59 20.90 -18.54
C ASN A 198 5.15 19.45 -18.59
N GLY A 199 4.46 18.99 -17.55
CA GLY A 199 4.01 17.61 -17.51
C GLY A 199 5.06 16.63 -16.98
N TYR A 200 6.33 17.02 -16.95
CA TYR A 200 7.42 16.06 -16.60
C TYR A 200 7.42 15.63 -15.12
N GLY A 201 7.39 16.62 -14.23
CA GLY A 201 7.50 16.36 -12.79
C GLY A 201 8.98 16.27 -12.39
N SER A 202 9.25 16.42 -11.09
CA SER A 202 10.58 16.37 -10.52
C SER A 202 10.43 15.95 -9.08
N THR A 203 11.47 15.32 -8.57
CA THR A 203 11.54 14.98 -7.18
C THR A 203 11.27 16.18 -6.26
N GLN A 204 10.34 15.99 -5.34
CA GLN A 204 9.90 17.07 -4.48
C GLN A 204 10.51 16.94 -3.09
N TYR A 205 11.02 18.05 -2.57
CA TYR A 205 11.52 18.15 -1.20
C TYR A 205 10.59 18.99 -0.33
N ILE A 206 9.96 18.36 0.67
CA ILE A 206 9.08 19.09 1.57
C ILE A 206 9.80 19.43 2.88
N ARG A 207 9.99 20.72 3.14
CA ARG A 207 10.43 21.24 4.45
C ARG A 207 9.25 21.24 5.40
N PHE A 208 9.36 20.49 6.50
CA PHE A 208 8.22 20.34 7.39
C PHE A 208 8.68 19.83 8.75
N SER A 209 7.94 20.18 9.82
CA SER A 209 8.23 19.59 11.13
C SER A 209 6.89 19.22 11.77
N PRO A 210 6.81 18.03 12.35
CA PRO A 210 5.64 17.64 13.12
C PRO A 210 5.72 18.08 14.58
N ASP A 211 6.80 18.79 14.94
CA ASP A 211 7.05 19.20 16.35
C ASP A 211 6.60 20.63 16.69
N PHE A 212 6.01 21.31 15.70
CA PHE A 212 5.40 22.64 15.91
C PHE A 212 4.10 22.76 15.12
N THR A 213 3.21 23.63 15.58
CA THR A 213 2.03 23.95 14.77
C THR A 213 1.56 25.37 14.99
N PHE A 214 0.53 25.76 14.24
CA PHE A 214 0.05 27.17 14.23
C PHE A 214 -1.35 27.38 14.82
N GLY A 215 -1.57 28.51 15.47
CA GLY A 215 -2.85 28.76 16.11
C GLY A 215 -3.70 29.68 15.28
N PHE A 216 -5.02 29.51 15.37
CA PHE A 216 -5.96 30.41 14.70
C PHE A 216 -7.08 30.65 15.69
N GLU A 217 -7.90 31.68 15.47
CA GLU A 217 -9.01 32.01 16.37
C GLU A 217 -10.36 31.62 15.80
N GLU A 218 -11.28 31.22 16.66
CA GLU A 218 -12.62 30.75 16.25
C GLU A 218 -13.63 30.81 17.40
N SER A 219 -14.82 31.34 17.17
CA SER A 219 -15.85 31.30 18.21
C SER A 219 -16.82 30.14 17.92
N LEU A 220 -16.89 29.18 18.85
CA LEU A 220 -17.83 28.06 18.74
C LEU A 220 -19.21 28.42 19.36
N GLU A 221 -20.25 28.40 18.52
CA GLU A 221 -21.60 28.79 18.95
C GLU A 221 -22.04 28.01 20.20
N PRO A 226 -21.39 30.20 26.39
CA PRO A 226 -22.69 30.87 26.30
C PRO A 226 -22.53 32.38 26.15
N LEU A 227 -21.43 32.93 26.68
CA LEU A 227 -21.05 34.31 26.41
C LEU A 227 -20.61 34.45 24.98
N LEU A 228 -20.29 33.32 24.33
CA LEU A 228 -19.83 33.30 22.94
C LEU A 228 -18.53 34.09 22.71
N GLY A 229 -17.46 33.70 23.38
CA GLY A 229 -16.17 34.38 23.25
C GLY A 229 -15.21 33.65 22.30
N ALA A 230 -14.08 34.28 21.98
CA ALA A 230 -13.19 33.79 20.92
C ALA A 230 -12.24 32.70 21.45
N GLY A 231 -12.14 31.61 20.69
CA GLY A 231 -11.35 30.48 21.08
C GLY A 231 -9.98 30.51 20.40
N LYS A 232 -8.97 29.95 21.07
CA LYS A 232 -7.65 29.91 20.50
C LYS A 232 -7.30 28.47 20.21
N PHE A 233 -7.22 28.13 18.94
CA PHE A 233 -7.08 26.74 18.53
C PHE A 233 -5.79 26.54 17.78
N ALA A 234 -5.44 25.28 17.57
CA ALA A 234 -4.21 24.94 16.90
C ALA A 234 -4.53 24.08 15.66
N THR A 235 -3.75 24.29 14.62
CA THR A 235 -3.95 23.58 13.38
C THR A 235 -3.45 22.14 13.61
N ASP A 236 -4.19 21.16 13.09
CA ASP A 236 -3.77 19.75 13.13
C ASP A 236 -2.65 19.55 12.12
N PRO A 237 -1.44 19.14 12.58
CA PRO A 237 -0.28 18.98 11.69
C PRO A 237 -0.49 18.00 10.49
N ALA A 238 -1.45 17.07 10.60
CA ALA A 238 -1.78 16.21 9.46
C ALA A 238 -2.37 17.04 8.31
N VAL A 239 -3.07 18.11 8.63
CA VAL A 239 -3.61 19.00 7.58
C VAL A 239 -2.52 19.74 6.87
N THR A 240 -1.59 20.29 7.65
CA THR A 240 -0.43 21.01 7.14
C THR A 240 0.42 20.11 6.23
N LEU A 241 0.65 18.88 6.68
CA LEU A 241 1.42 17.97 5.82
C LEU A 241 0.61 17.63 4.55
N ALA A 242 -0.69 17.43 4.69
CA ALA A 242 -1.46 17.02 3.51
C ALA A 242 -1.40 18.20 2.50
N HIS A 243 -1.47 19.43 2.98
CA HIS A 243 -1.30 20.64 2.13
C HIS A 243 -0.03 20.59 1.28
N GLU A 244 1.09 20.32 1.92
CA GLU A 244 2.35 20.20 1.20
C GLU A 244 2.38 19.00 0.25
N LEU A 245 1.76 17.89 0.63
CA LEU A 245 1.71 16.73 -0.28
C LEU A 245 0.88 17.05 -1.53
N ILE A 246 -0.18 17.87 -1.38
CA ILE A 246 -1.01 18.28 -2.54
C ILE A 246 -0.14 19.07 -3.52
N HIS A 247 0.67 20.01 -3.01
CA HIS A 247 1.62 20.72 -3.89
C HIS A 247 2.51 19.70 -4.58
N ALA A 248 3.01 18.72 -3.82
CA ALA A 248 3.90 17.73 -4.42
C ALA A 248 3.21 16.98 -5.55
N GLY A 249 1.94 16.66 -5.41
CA GLY A 249 1.22 16.00 -6.48
C GLY A 249 1.19 16.88 -7.73
N HIS A 250 0.80 18.15 -7.55
CA HIS A 250 0.78 19.06 -8.73
C HIS A 250 2.14 19.04 -9.41
N ARG A 251 3.20 19.15 -8.61
CA ARG A 251 4.54 19.29 -9.15
C ARG A 251 5.10 17.98 -9.73
N LEU A 252 4.70 16.82 -9.18
CA LEU A 252 5.16 15.52 -9.69
C LEU A 252 4.52 15.23 -11.08
N TYR A 253 3.30 15.73 -11.33
CA TYR A 253 2.65 15.56 -12.65
C TYR A 253 2.89 16.79 -13.55
N GLY A 254 3.76 17.70 -13.10
CA GLY A 254 4.15 18.84 -13.95
C GLY A 254 3.03 19.79 -14.35
N ILE A 255 2.02 19.93 -13.49
CA ILE A 255 0.90 20.82 -13.79
C ILE A 255 0.70 21.94 -12.75
N ALA A 256 1.76 22.32 -12.05
CA ALA A 256 1.69 23.45 -11.11
C ALA A 256 1.47 24.78 -11.83
N ILE A 257 0.72 25.68 -11.21
CA ILE A 257 0.56 27.02 -11.82
C ILE A 257 1.80 27.87 -11.58
N ASN A 258 2.24 28.53 -12.64
CA ASN A 258 3.39 29.38 -12.55
C ASN A 258 3.30 30.24 -11.28
N PRO A 259 4.36 30.24 -10.45
CA PRO A 259 4.35 31.02 -9.21
C PRO A 259 4.27 32.53 -9.45
N ASN A 260 4.44 32.97 -10.69
CA ASN A 260 4.27 34.38 -11.01
C ASN A 260 2.80 34.78 -11.16
N ARG A 261 1.88 33.86 -10.87
CA ARG A 261 0.43 34.14 -10.94
C ARG A 261 -0.13 34.33 -9.52
N VAL A 262 -0.45 35.57 -9.16
CA VAL A 262 -0.79 35.90 -7.77
C VAL A 262 -1.97 36.88 -7.60
N PHE A 263 -2.50 36.93 -6.38
CA PHE A 263 -3.59 37.84 -5.98
C PHE A 263 -3.12 38.92 -5.01
N LYS A 264 -3.72 40.10 -5.16
CA LYS A 264 -3.57 41.27 -4.29
C LYS A 264 -3.56 42.52 -5.14
N VAL A 278 -0.68 36.33 -2.49
CA VAL A 278 -1.00 34.91 -2.46
C VAL A 278 -1.17 34.33 -3.86
N SER A 279 -0.50 33.22 -4.14
CA SER A 279 -0.49 32.63 -5.48
C SER A 279 -1.76 31.82 -5.79
N PHE A 280 -2.05 31.68 -7.08
CA PHE A 280 -3.13 30.82 -7.51
C PHE A 280 -2.89 29.42 -6.93
N GLU A 281 -1.64 28.97 -6.94
CA GLU A 281 -1.31 27.60 -6.58
C GLU A 281 -1.65 27.38 -5.11
N GLU A 282 -1.45 28.41 -4.28
CA GLU A 282 -1.84 28.34 -2.87
C GLU A 282 -3.37 28.25 -2.73
N LEU A 283 -4.10 29.08 -3.47
CA LEU A 283 -5.56 29.07 -3.40
C LEU A 283 -6.16 27.74 -3.90
N ARG A 284 -5.61 27.22 -4.99
CA ARG A 284 -6.04 25.93 -5.60
C ARG A 284 -5.81 24.80 -4.55
N THR A 285 -4.71 24.88 -3.82
CA THR A 285 -4.34 23.82 -2.86
C THR A 285 -5.23 23.85 -1.64
N PHE A 286 -5.53 25.05 -1.17
CA PHE A 286 -6.49 25.20 -0.08
C PHE A 286 -7.86 24.67 -0.42
N GLY A 287 -8.38 25.05 -1.59
CA GLY A 287 -9.60 24.49 -2.07
C GLY A 287 -10.79 25.31 -1.60
N GLY A 288 -11.91 24.64 -1.38
CA GLY A 288 -13.11 25.27 -0.85
C GLY A 288 -13.50 26.48 -1.68
N HIS A 289 -14.04 27.49 -1.02
CA HIS A 289 -14.61 28.64 -1.74
C HIS A 289 -13.46 29.52 -2.21
N ASP A 290 -12.29 29.34 -1.61
CA ASP A 290 -11.09 30.09 -2.00
C ASP A 290 -10.71 29.81 -3.46
N ALA A 291 -10.81 28.55 -3.84
CA ALA A 291 -10.48 28.14 -5.19
C ALA A 291 -11.45 28.76 -6.19
N LYS A 292 -12.64 29.16 -5.76
CA LYS A 292 -13.65 29.65 -6.70
C LYS A 292 -13.27 31.03 -7.24
N PHE A 293 -12.22 31.64 -6.69
CA PHE A 293 -11.79 32.96 -7.15
C PHE A 293 -10.96 32.89 -8.44
N ILE A 294 -10.30 31.76 -8.69
CA ILE A 294 -9.75 31.49 -10.01
C ILE A 294 -10.94 31.43 -10.97
N ASP A 295 -11.01 32.34 -11.94
CA ASP A 295 -12.20 32.36 -12.77
C ASP A 295 -12.20 31.15 -13.73
N SER A 296 -13.38 30.60 -13.97
CA SER A 296 -13.54 29.34 -14.67
C SER A 296 -12.91 29.32 -16.06
N LEU A 297 -12.95 30.46 -16.76
CA LEU A 297 -12.36 30.59 -18.09
C LEU A 297 -10.83 30.43 -18.03
N GLN A 298 -10.22 31.03 -17.01
CA GLN A 298 -8.80 30.82 -16.72
C GLN A 298 -8.49 29.33 -16.44
N GLU A 299 -9.27 28.68 -15.60
CA GLU A 299 -9.06 27.25 -15.38
C GLU A 299 -9.06 26.47 -16.69
N ASN A 300 -10.03 26.73 -17.57
CA ASN A 300 -10.12 25.96 -18.82
C ASN A 300 -8.88 26.13 -19.65
N GLU A 301 -8.36 27.36 -19.70
CA GLU A 301 -7.13 27.65 -20.40
C GLU A 301 -5.95 26.82 -19.80
N PHE A 302 -5.87 26.79 -18.47
CA PHE A 302 -4.85 25.99 -17.75
C PHE A 302 -5.00 24.53 -18.11
N ARG A 303 -6.25 24.05 -18.12
CA ARG A 303 -6.48 22.62 -18.35
C ARG A 303 -6.04 22.24 -19.77
N LEU A 304 -6.32 23.11 -20.74
CA LEU A 304 -5.97 22.83 -22.15
C LEU A 304 -4.47 22.78 -22.32
N TYR A 305 -3.79 23.70 -21.64
CA TYR A 305 -2.33 23.83 -21.76
C TYR A 305 -1.65 22.55 -21.30
N TYR A 306 -2.13 22.01 -20.19
CA TYR A 306 -1.52 20.82 -19.63
C TYR A 306 -1.93 19.58 -20.43
N TYR A 307 -3.15 19.60 -20.96
CA TYR A 307 -3.55 18.54 -21.90
C TYR A 307 -2.50 18.44 -23.02
N ASN A 308 -2.17 19.58 -23.63
CA ASN A 308 -1.16 19.62 -24.70
C ASN A 308 0.25 19.16 -24.25
N LYS A 309 0.64 19.53 -23.02
CA LYS A 309 1.91 19.02 -22.48
C LYS A 309 1.89 17.51 -22.39
N PHE A 310 0.75 16.94 -21.99
CA PHE A 310 0.64 15.50 -21.91
C PHE A 310 0.73 14.89 -23.32
N LYS A 311 0.13 15.56 -24.30
CA LYS A 311 0.20 15.05 -25.67
C LYS A 311 1.65 14.98 -26.15
N ASP A 312 2.41 16.02 -25.82
CA ASP A 312 3.83 16.05 -26.19
C ASP A 312 4.60 14.90 -25.53
N ILE A 313 4.26 14.58 -24.30
CA ILE A 313 4.93 13.48 -23.65
C ILE A 313 4.60 12.13 -24.34
N ALA A 314 3.37 11.94 -24.78
CA ALA A 314 3.00 10.67 -25.45
C ALA A 314 3.84 10.47 -26.71
N SER A 315 3.94 11.55 -27.49
CA SER A 315 4.79 11.64 -28.68
C SER A 315 6.23 11.29 -28.41
N THR A 316 6.74 11.73 -27.26
CA THR A 316 8.15 11.53 -26.98
C THR A 316 8.36 10.08 -26.72
N LEU A 317 7.42 9.46 -26.02
CA LEU A 317 7.51 8.04 -25.75
C LEU A 317 7.43 7.30 -27.08
N ASN A 318 6.63 7.84 -27.98
CA ASN A 318 6.37 7.15 -29.25
C ASN A 318 7.66 7.09 -30.09
N LYS A 319 8.38 8.21 -30.15
CA LYS A 319 9.61 8.32 -30.94
C LYS A 319 10.83 7.69 -30.29
N ALA A 320 10.65 6.97 -29.20
CA ALA A 320 11.80 6.50 -28.44
C ALA A 320 12.32 5.20 -29.02
N LYS A 321 13.60 5.19 -29.37
CA LYS A 321 14.25 4.01 -29.93
C LYS A 321 15.18 3.38 -28.90
N SER A 322 15.79 4.22 -28.08
CA SER A 322 16.86 3.79 -27.19
C SER A 322 16.62 4.26 -25.77
N ILE A 323 17.33 3.66 -24.84
CA ILE A 323 17.31 4.09 -23.46
C ILE A 323 18.74 4.02 -22.90
N VAL A 324 19.12 5.04 -22.13
CA VAL A 324 20.46 5.12 -21.54
C VAL A 324 20.34 4.71 -20.08
N GLY A 325 21.33 4.00 -19.55
CA GLY A 325 21.12 3.34 -18.26
C GLY A 325 20.10 2.23 -18.38
N ALA A 328 17.84 -2.14 -18.18
CA ALA A 328 16.46 -1.62 -18.20
C ALA A 328 15.95 -1.50 -19.63
N SER A 329 14.65 -1.73 -19.86
CA SER A 329 14.08 -1.80 -21.23
C SER A 329 13.37 -0.53 -21.75
N LEU A 330 13.55 -0.19 -23.01
CA LEU A 330 12.79 0.91 -23.62
C LEU A 330 11.29 0.76 -23.41
N GLN A 331 10.67 -0.24 -24.05
CA GLN A 331 9.21 -0.43 -23.96
C GLN A 331 8.68 -0.48 -22.52
N TYR A 332 9.45 -1.02 -21.60
CA TYR A 332 9.09 -1.04 -20.17
C TYR A 332 9.01 0.33 -19.40
N MET A 333 10.06 1.17 -19.52
CA MET A 333 10.01 2.53 -18.96
C MET A 333 8.87 3.23 -19.63
N LYS A 334 8.61 2.76 -20.85
CA LYS A 334 7.52 3.27 -21.64
C LYS A 334 6.21 2.96 -20.90
N ASN A 335 6.12 1.77 -20.30
CA ASN A 335 4.93 1.35 -19.61
C ASN A 335 4.77 2.04 -18.30
N VAL A 336 5.87 2.30 -17.59
CA VAL A 336 5.81 3.08 -16.35
C VAL A 336 5.12 4.42 -16.63
N PHE A 337 5.49 5.09 -17.73
CA PHE A 337 4.89 6.42 -18.03
C PHE A 337 3.50 6.32 -18.67
N LYS A 338 3.22 5.24 -19.40
CA LYS A 338 1.83 4.93 -19.73
C LYS A 338 0.99 4.85 -18.46
N GLU A 339 1.51 4.19 -17.41
CA GLU A 339 0.71 4.03 -16.20
C GLU A 339 0.53 5.42 -15.53
N LYS A 340 1.62 6.19 -15.43
CA LYS A 340 1.58 7.47 -14.68
C LYS A 340 0.54 8.36 -15.29
N TYR A 341 0.62 8.54 -16.61
CA TYR A 341 -0.20 9.54 -17.28
C TYR A 341 -1.53 8.98 -17.79
N LEU A 342 -1.83 7.72 -17.47
CA LEU A 342 -3.10 7.07 -17.95
C LEU A 342 -3.31 7.13 -19.47
N LEU A 343 -2.25 6.84 -20.22
CA LEU A 343 -2.33 6.96 -21.66
C LEU A 343 -2.99 5.70 -22.25
N SER A 344 -3.66 5.84 -23.39
CA SER A 344 -4.17 4.69 -24.13
C SER A 344 -3.10 4.13 -25.08
N GLU A 345 -3.21 2.85 -25.42
CA GLU A 345 -2.30 2.22 -26.38
C GLU A 345 -3.13 1.49 -27.44
N ASP A 346 -2.81 1.71 -28.71
CA ASP A 346 -3.54 0.98 -29.76
C ASP A 346 -2.94 -0.42 -30.03
N THR A 347 -3.69 -1.21 -30.81
CA THR A 347 -3.27 -2.56 -31.20
C THR A 347 -1.83 -2.51 -31.69
N SER A 348 -1.51 -1.41 -32.35
CA SER A 348 -0.19 -1.18 -32.94
C SER A 348 0.94 -0.94 -31.90
N GLY A 349 0.63 -0.31 -30.77
CA GLY A 349 1.63 -0.04 -29.74
C GLY A 349 1.82 1.45 -29.44
N LYS A 350 1.14 2.27 -30.22
CA LYS A 350 1.19 3.73 -30.12
C LYS A 350 0.39 4.26 -28.92
N PHE A 351 1.02 5.13 -28.13
CA PHE A 351 0.42 5.79 -26.95
C PHE A 351 -0.36 7.07 -27.35
N SER A 352 -1.52 7.34 -26.75
CA SER A 352 -2.05 8.71 -26.89
C SER A 352 -2.79 9.13 -25.60
N VAL A 353 -3.15 10.41 -25.52
CA VAL A 353 -3.86 10.93 -24.34
C VAL A 353 -5.37 10.89 -24.52
N ASP A 354 -6.10 10.20 -23.65
CA ASP A 354 -7.58 10.15 -23.75
C ASP A 354 -8.21 11.31 -22.98
N LYS A 355 -9.09 12.09 -23.62
CA LYS A 355 -9.61 13.29 -22.97
C LYS A 355 -10.31 13.00 -21.64
N LEU A 356 -11.04 11.89 -21.54
CA LEU A 356 -11.77 11.57 -20.31
C LEU A 356 -10.82 11.18 -19.19
N LYS A 357 -9.79 10.40 -19.52
CA LYS A 357 -8.82 9.94 -18.52
C LYS A 357 -7.98 11.16 -18.09
N PHE A 358 -7.68 12.05 -19.03
CA PHE A 358 -6.96 13.26 -18.65
C PHE A 358 -7.80 14.14 -17.71
N ASP A 359 -9.03 14.43 -18.09
CA ASP A 359 -9.88 15.25 -17.24
C ASP A 359 -10.05 14.62 -15.87
N LYS A 360 -10.12 13.28 -15.81
CA LYS A 360 -10.27 12.59 -14.52
C LYS A 360 -9.03 12.83 -13.62
N LEU A 361 -7.84 12.57 -14.16
CA LEU A 361 -6.60 12.73 -13.39
C LEU A 361 -6.42 14.20 -12.99
N TYR A 362 -6.63 15.12 -13.92
CA TYR A 362 -6.37 16.55 -13.64
C TYR A 362 -7.33 17.05 -12.57
N LYS A 363 -8.60 16.65 -12.67
CA LYS A 363 -9.56 17.07 -11.66
C LYS A 363 -9.21 16.49 -10.27
N MET A 364 -8.81 15.21 -10.24
CA MET A 364 -8.35 14.60 -8.98
C MET A 364 -7.23 15.46 -8.33
N LEU A 365 -6.17 15.68 -9.09
CA LEU A 365 -5.01 16.38 -8.58
C LEU A 365 -5.31 17.82 -8.19
N THR A 366 -6.22 18.51 -8.90
CA THR A 366 -6.33 19.97 -8.69
C THR A 366 -7.59 20.38 -7.91
N GLU A 367 -8.66 19.58 -8.03
CA GLU A 367 -9.92 19.94 -7.42
C GLU A 367 -10.30 19.07 -6.24
N ILE A 368 -9.87 17.82 -6.23
CA ILE A 368 -10.40 16.90 -5.24
C ILE A 368 -9.36 16.82 -4.09
N TYR A 369 -8.07 16.71 -4.42
CA TYR A 369 -7.05 16.75 -3.37
C TYR A 369 -6.85 18.21 -2.95
N THR A 370 -7.53 18.65 -1.91
CA THR A 370 -7.36 19.99 -1.39
C THR A 370 -7.37 19.94 0.13
N GLU A 371 -6.85 21.00 0.73
CA GLU A 371 -6.81 21.12 2.22
C GLU A 371 -8.23 21.08 2.77
N ASP A 372 -9.12 21.86 2.18
CA ASP A 372 -10.51 21.91 2.61
C ASP A 372 -11.12 20.49 2.70
N ASN A 373 -10.84 19.65 1.70
CA ASN A 373 -11.41 18.29 1.64
C ASN A 373 -10.80 17.36 2.70
N PHE A 374 -9.53 17.55 2.98
CA PHE A 374 -8.91 16.81 4.08
C PHE A 374 -9.54 17.21 5.42
N VAL A 375 -9.82 18.50 5.59
CA VAL A 375 -10.46 18.95 6.84
C VAL A 375 -11.77 18.22 7.05
N LYS A 376 -12.54 18.10 5.96
CA LYS A 376 -13.82 17.41 6.00
C LYS A 376 -13.59 15.94 6.43
N PHE A 377 -12.58 15.26 5.85
CA PHE A 377 -12.39 13.82 6.11
C PHE A 377 -11.88 13.58 7.52
N PHE A 378 -10.92 14.38 7.93
CA PHE A 378 -10.42 14.36 9.31
C PHE A 378 -11.47 14.83 10.36
N LYS A 379 -12.43 15.67 9.96
CA LYS A 379 -13.35 16.29 10.93
C LYS A 379 -12.60 17.09 12.04
N VAL A 380 -11.72 17.99 11.64
CA VAL A 380 -11.02 18.84 12.59
C VAL A 380 -11.43 20.27 12.34
N LEU A 381 -11.09 21.16 13.27
CA LEU A 381 -11.28 22.59 13.09
C LEU A 381 -10.06 23.14 12.35
N ASN A 382 -10.26 24.11 11.48
CA ASN A 382 -9.16 24.60 10.67
C ASN A 382 -9.51 25.98 10.18
N ARG A 383 -8.53 26.72 9.70
CA ARG A 383 -8.77 28.09 9.22
C ARG A 383 -9.83 27.96 8.13
N LYS A 384 -10.66 28.97 7.96
CA LYS A 384 -11.76 28.86 7.01
C LYS A 384 -11.37 29.34 5.63
N THR A 385 -10.35 30.15 5.59
CA THR A 385 -9.81 30.62 4.34
C THR A 385 -8.27 30.66 4.46
N TYR A 386 -7.63 30.64 3.30
CA TYR A 386 -6.19 30.49 3.25
C TYR A 386 -5.47 31.58 4.05
N LEU A 387 -5.98 32.80 4.07
CA LEU A 387 -5.33 33.86 4.88
C LEU A 387 -5.52 33.81 6.41
N ASN A 388 -6.71 33.44 6.87
CA ASN A 388 -7.00 33.29 8.30
C ASN A 388 -5.75 33.25 9.18
N ASP A 390 -3.31 34.19 11.82
CA ASP A 390 -2.87 34.40 13.22
C ASP A 390 -1.36 34.56 13.31
N LYS A 391 -0.83 34.53 14.52
CA LYS A 391 0.59 34.77 14.75
C LYS A 391 1.08 33.93 15.92
N ALA A 392 0.35 32.88 16.25
CA ALA A 392 0.75 32.03 17.36
C ALA A 392 1.40 30.78 16.83
N VAL A 393 2.53 30.40 17.44
CA VAL A 393 3.21 29.13 17.17
C VAL A 393 3.36 28.36 18.47
N PHE A 394 3.28 27.05 18.36
CA PHE A 394 3.20 26.20 19.55
C PHE A 394 4.11 25.00 19.37
N LYS A 395 4.82 24.61 20.43
CA LYS A 395 5.56 23.36 20.43
C LYS A 395 4.55 22.26 20.75
N ILE A 396 4.66 21.11 20.07
CA ILE A 396 3.74 20.01 20.32
C ILE A 396 4.54 18.70 20.28
N ASN A 397 3.93 17.60 20.68
CA ASN A 397 4.59 16.29 20.57
C ASN A 397 3.51 15.26 20.31
N ILE A 398 3.33 14.88 19.04
CA ILE A 398 2.23 14.01 18.67
C ILE A 398 2.59 12.55 18.77
N VAL A 399 3.79 12.24 19.23
CA VAL A 399 4.23 10.82 19.16
C VAL A 399 3.52 9.95 20.23
N PRO A 400 3.47 10.39 21.49
CA PRO A 400 2.67 9.60 22.45
C PRO A 400 1.18 9.43 22.03
N LYS A 401 0.68 8.20 22.11
CA LYS A 401 -0.71 7.89 21.84
C LYS A 401 -1.60 8.70 22.77
N VAL A 402 -1.13 8.97 23.99
CA VAL A 402 -1.96 9.78 24.89
C VAL A 402 -2.14 11.25 24.48
N ASN A 403 -1.31 11.74 23.57
CA ASN A 403 -1.42 13.12 23.09
C ASN A 403 -2.20 13.24 21.78
N TYR A 404 -2.08 12.26 20.90
CA TYR A 404 -2.57 12.42 19.53
C TYR A 404 -2.67 11.06 18.90
N THR A 405 -3.77 10.73 18.24
CA THR A 405 -3.90 9.41 17.62
C THR A 405 -4.13 9.50 16.10
N ILE A 406 -3.83 8.40 15.41
CA ILE A 406 -4.01 8.29 13.95
C ILE A 406 -5.48 8.59 13.56
N TYR A 407 -6.44 8.06 14.32
CA TYR A 407 -7.84 8.25 13.96
C TYR A 407 -8.40 9.63 14.39
N ASP A 408 -7.97 10.16 15.54
CA ASP A 408 -8.68 11.32 16.10
C ASP A 408 -7.83 12.58 16.22
N GLY A 409 -6.55 12.50 15.86
CA GLY A 409 -5.66 13.63 16.07
C GLY A 409 -5.66 14.04 17.54
N PHE A 410 -5.83 15.33 17.86
CA PHE A 410 -5.86 15.74 19.30
C PHE A 410 -7.20 15.46 19.98
N ASN A 411 -8.26 15.30 19.18
CA ASN A 411 -9.65 15.26 19.73
C ASN A 411 -10.05 13.84 20.16
N LEU A 412 -9.40 13.34 21.21
CA LEU A 412 -9.46 11.92 21.58
C LEU A 412 -10.88 11.49 21.97
N ARG A 413 -11.37 10.43 21.33
CA ARG A 413 -12.73 9.98 21.54
C ARG A 413 -12.90 9.51 22.97
N ASN A 414 -14.10 9.67 23.51
CA ASN A 414 -14.39 9.13 24.83
C ASN A 414 -13.56 9.79 25.92
N THR A 415 -13.22 11.06 25.67
CA THR A 415 -12.67 11.98 26.67
C THR A 415 -13.33 13.32 26.42
N ASN A 416 -13.04 14.31 27.27
CA ASN A 416 -13.59 15.65 27.06
C ASN A 416 -13.02 16.34 25.82
N LEU A 417 -11.90 15.82 25.29
CA LEU A 417 -11.30 16.45 24.12
C LEU A 417 -12.06 16.10 22.86
N ALA A 418 -13.02 15.18 22.96
CA ALA A 418 -13.72 14.70 21.77
C ALA A 418 -14.77 15.68 21.29
N ALA A 419 -15.25 16.52 22.19
CA ALA A 419 -16.34 17.42 21.86
C ALA A 419 -15.83 18.81 21.55
N ASN A 420 -16.53 19.50 20.63
CA ASN A 420 -16.27 20.91 20.38
C ASN A 420 -14.81 21.20 20.01
N PHE A 421 -14.19 20.22 19.40
CA PHE A 421 -12.75 20.28 19.07
C PHE A 421 -11.93 20.72 20.27
N ASN A 422 -12.30 20.25 21.46
CA ASN A 422 -11.58 20.63 22.68
C ASN A 422 -10.09 20.22 22.63
N GLY A 423 -9.79 19.15 21.89
CA GLY A 423 -8.42 18.68 21.76
C GLY A 423 -7.52 19.71 21.07
N GLN A 424 -8.05 20.48 20.12
CA GLN A 424 -7.27 21.54 19.45
C GLN A 424 -7.40 22.88 20.16
N ASN A 425 -8.22 22.96 21.20
CA ASN A 425 -8.38 24.22 21.97
C ASN A 425 -7.15 24.36 22.85
N THR A 426 -6.32 25.36 22.58
CA THR A 426 -5.04 25.44 23.27
C THR A 426 -5.17 25.87 24.76
N GLU A 427 -6.36 26.29 25.18
CA GLU A 427 -6.58 26.58 26.60
C GLU A 427 -7.07 25.31 27.30
N ILE A 428 -8.00 24.60 26.68
CA ILE A 428 -8.61 23.45 27.33
C ILE A 428 -7.58 22.32 27.38
N ASN A 429 -6.93 22.09 26.25
CA ASN A 429 -5.96 21.01 26.11
C ASN A 429 -4.56 21.59 26.27
N ASN A 430 -4.35 22.41 27.31
CA ASN A 430 -3.12 23.17 27.42
C ASN A 430 -1.84 22.31 27.56
N MET A 431 -1.99 21.08 28.04
CA MET A 431 -0.80 20.25 28.25
C MET A 431 -0.19 19.86 26.90
N ASN A 432 -0.98 19.93 25.83
CA ASN A 432 -0.44 19.59 24.52
C ASN A 432 0.14 20.74 23.70
N PHE A 433 0.09 21.97 24.18
CA PHE A 433 0.55 23.09 23.38
C PHE A 433 1.36 24.06 24.23
N THR A 434 2.60 24.29 23.83
CA THR A 434 3.46 25.25 24.50
C THR A 434 3.67 26.46 23.61
N LYS A 435 3.24 27.63 24.06
CA LYS A 435 3.33 28.84 23.22
C LYS A 435 4.76 29.36 23.18
N LEU A 436 5.24 29.63 21.97
CA LEU A 436 6.61 30.08 21.78
C LEU A 436 6.61 31.55 21.35
N LYS A 437 7.76 32.21 21.40
CA LYS A 437 7.85 33.58 20.85
C LYS A 437 7.38 33.60 19.36
N ASN A 438 6.75 34.69 18.95
CA ASN A 438 6.32 34.83 17.56
C ASN A 438 7.46 35.34 16.68
N SER B 11 -15.30 -1.85 -20.63
CA SER B 11 -14.78 -1.06 -19.44
C SER B 11 -14.90 -1.87 -18.14
N SER B 12 -13.78 -2.00 -17.44
CA SER B 12 -13.63 -2.88 -16.27
C SER B 12 -13.84 -2.22 -14.91
N GLY B 13 -13.71 -0.89 -14.86
CA GLY B 13 -13.88 -0.19 -13.60
C GLY B 13 -12.81 -0.47 -12.55
N LEU B 14 -11.56 -0.58 -12.99
CA LEU B 14 -10.51 -0.96 -12.01
C LEU B 14 -10.14 0.22 -11.07
N VAL B 15 -10.47 1.46 -11.47
CA VAL B 15 -10.17 2.60 -10.59
C VAL B 15 -11.39 3.50 -10.41
N PRO B 16 -12.28 3.11 -9.49
CA PRO B 16 -13.53 3.85 -9.29
C PRO B 16 -13.27 5.17 -8.56
N ARG B 17 -12.24 5.22 -7.73
CA ARG B 17 -11.90 6.44 -7.02
C ARG B 17 -10.41 6.74 -7.06
N GLY B 18 -10.05 7.98 -7.39
CA GLY B 18 -8.65 8.31 -7.49
C GLY B 18 -8.13 8.21 -8.90
N SER B 19 -6.82 8.26 -9.02
CA SER B 19 -6.15 8.20 -10.30
C SER B 19 -5.64 6.80 -10.64
N HIS B 20 -5.26 6.00 -9.63
CA HIS B 20 -4.57 4.72 -9.93
C HIS B 20 -5.03 3.68 -8.92
N MET B 21 -4.86 2.39 -9.25
CA MET B 21 -5.24 1.37 -8.28
C MET B 21 -4.37 1.47 -7.02
N GLN B 22 -4.91 1.05 -5.90
CA GLN B 22 -4.19 1.30 -4.66
C GLN B 22 -3.36 0.14 -4.17
N PHE B 23 -3.64 -1.07 -4.61
CA PHE B 23 -2.79 -2.23 -4.20
C PHE B 23 -2.02 -2.79 -5.38
N VAL B 24 -2.74 -3.12 -6.46
CA VAL B 24 -2.08 -3.74 -7.61
C VAL B 24 -1.31 -2.65 -8.32
N ASN B 25 -0.09 -2.93 -8.75
CA ASN B 25 0.83 -1.85 -9.14
C ASN B 25 0.66 -1.39 -10.60
N LYS B 26 0.03 -2.22 -11.46
CA LYS B 26 -0.10 -1.90 -12.89
C LYS B 26 -1.39 -2.45 -13.41
N GLN B 27 -1.98 -1.79 -14.40
CA GLN B 27 -3.13 -2.39 -15.09
C GLN B 27 -2.55 -3.23 -16.24
N PHE B 28 -2.26 -4.49 -15.97
CA PHE B 28 -1.56 -5.33 -16.91
C PHE B 28 -2.54 -5.84 -18.00
N ASN B 29 -2.05 -6.00 -19.23
CA ASN B 29 -2.69 -6.88 -20.22
C ASN B 29 -1.83 -8.11 -20.41
N TYR B 30 -2.46 -9.25 -20.68
CA TYR B 30 -1.70 -10.48 -20.86
C TYR B 30 -0.66 -10.33 -21.96
N LYS B 31 -0.95 -9.55 -22.99
CA LYS B 31 0.01 -9.42 -24.10
C LYS B 31 1.13 -8.38 -23.88
N ASP B 32 1.10 -7.61 -22.79
CA ASP B 32 2.20 -6.67 -22.51
C ASP B 32 3.53 -7.45 -22.62
N PRO B 33 4.56 -6.85 -23.24
CA PRO B 33 5.82 -7.58 -23.41
C PRO B 33 6.52 -7.86 -22.08
N VAL B 34 7.28 -8.95 -22.03
CA VAL B 34 8.07 -9.25 -20.84
C VAL B 34 9.08 -8.12 -20.62
N ASN B 35 9.35 -7.81 -19.37
CA ASN B 35 10.32 -6.76 -19.10
C ASN B 35 11.32 -7.14 -18.02
N GLY B 36 11.20 -8.36 -17.50
CA GLY B 36 12.15 -8.87 -16.53
C GLY B 36 12.05 -8.19 -15.16
N VAL B 37 11.00 -7.42 -14.95
CA VAL B 37 10.82 -6.72 -13.68
C VAL B 37 9.46 -7.04 -13.04
N ASP B 38 8.38 -6.85 -13.78
CA ASP B 38 7.09 -7.16 -13.20
C ASP B 38 6.27 -7.96 -14.22
N ILE B 39 6.84 -8.15 -15.41
CA ILE B 39 6.30 -9.17 -16.36
C ILE B 39 7.46 -10.04 -16.83
N ALA B 40 7.37 -11.37 -16.64
CA ALA B 40 8.50 -12.26 -16.86
C ALA B 40 8.09 -13.71 -17.01
N TYR B 41 8.85 -14.50 -17.76
CA TYR B 41 8.67 -15.94 -17.71
C TYR B 41 9.41 -16.40 -16.46
N ILE B 42 8.84 -17.33 -15.71
CA ILE B 42 9.45 -17.76 -14.43
C ILE B 42 9.28 -19.26 -14.33
N LYS B 43 10.07 -19.89 -13.46
CA LYS B 43 9.98 -21.31 -13.19
C LYS B 43 9.96 -21.50 -11.69
N ILE B 44 9.24 -22.51 -11.22
CA ILE B 44 9.14 -22.78 -9.80
C ILE B 44 10.26 -23.73 -9.45
N PRO B 45 11.00 -23.48 -8.35
CA PRO B 45 12.16 -24.35 -8.04
C PRO B 45 11.77 -25.80 -7.75
N ASN B 46 12.70 -26.72 -8.01
CA ASN B 46 12.48 -28.14 -7.77
C ASN B 46 11.24 -28.72 -8.44
N VAL B 47 10.86 -28.19 -9.59
CA VAL B 47 9.74 -28.71 -10.36
C VAL B 47 10.30 -29.14 -11.72
N GLY B 48 10.58 -30.44 -11.84
CA GLY B 48 11.30 -31.00 -12.99
C GLY B 48 10.85 -30.55 -14.37
N GLN B 49 11.80 -29.99 -15.12
CA GLN B 49 11.64 -29.73 -16.55
C GLN B 49 10.47 -28.79 -16.88
N MET B 50 9.92 -28.13 -15.87
CA MET B 50 8.82 -27.18 -16.09
C MET B 50 9.16 -26.23 -17.25
N GLN B 51 8.25 -26.09 -18.20
CA GLN B 51 8.41 -25.03 -19.19
C GLN B 51 8.12 -23.68 -18.48
N PRO B 52 8.96 -22.65 -18.70
CA PRO B 52 8.69 -21.42 -17.93
C PRO B 52 7.40 -20.80 -18.37
N VAL B 53 6.72 -20.10 -17.46
CA VAL B 53 5.39 -19.59 -17.74
C VAL B 53 5.38 -18.09 -17.56
N LYS B 54 4.53 -17.40 -18.32
CA LYS B 54 4.43 -15.93 -18.20
C LYS B 54 3.70 -15.55 -16.93
N ALA B 55 4.28 -14.62 -16.16
CA ALA B 55 3.78 -14.28 -14.84
C ALA B 55 3.83 -12.76 -14.62
N PHE B 56 3.04 -12.26 -13.68
CA PHE B 56 2.82 -10.82 -13.49
C PHE B 56 2.96 -10.51 -12.02
N LYS B 57 3.82 -9.57 -11.69
CA LYS B 57 4.03 -9.15 -10.29
C LYS B 57 3.06 -8.03 -9.97
N ILE B 58 2.00 -8.36 -9.25
CA ILE B 58 0.94 -7.37 -8.97
C ILE B 58 1.28 -6.49 -7.76
N HIS B 59 2.20 -6.95 -6.93
CA HIS B 59 2.60 -6.19 -5.73
C HIS B 59 3.93 -6.74 -5.24
N ASN B 60 4.66 -5.96 -4.45
CA ASN B 60 5.83 -6.48 -3.75
C ASN B 60 5.44 -7.88 -3.18
N LYS B 61 6.28 -8.88 -3.46
CA LYS B 61 6.15 -10.27 -2.94
C LYS B 61 4.98 -11.09 -3.45
N ILE B 62 4.18 -10.54 -4.37
CA ILE B 62 2.99 -11.27 -4.85
C ILE B 62 2.93 -11.33 -6.37
N TRP B 63 2.84 -12.55 -6.91
CA TRP B 63 2.81 -12.74 -8.37
C TRP B 63 1.53 -13.49 -8.76
N VAL B 64 1.09 -13.30 -10.00
CA VAL B 64 -0.05 -14.05 -10.48
C VAL B 64 0.37 -14.80 -11.73
N ILE B 65 0.04 -16.09 -11.80
CA ILE B 65 0.36 -16.89 -12.96
C ILE B 65 -0.94 -17.36 -13.58
N PRO B 66 -1.34 -16.75 -14.71
CA PRO B 66 -2.63 -17.05 -15.37
C PRO B 66 -2.61 -18.34 -16.22
N GLU B 67 -2.32 -19.45 -15.56
CA GLU B 67 -2.16 -20.76 -16.23
C GLU B 67 -2.80 -21.78 -15.32
N ARG B 68 -3.26 -22.89 -15.90
CA ARG B 68 -3.66 -24.04 -15.11
C ARG B 68 -2.44 -24.58 -14.34
N ASP B 69 -2.64 -24.95 -13.07
CA ASP B 69 -1.58 -25.47 -12.25
C ASP B 69 -1.25 -26.94 -12.57
N THR B 70 -0.38 -27.14 -13.54
CA THR B 70 0.16 -28.48 -13.82
C THR B 70 1.59 -28.62 -13.25
N PHE B 71 1.94 -27.77 -12.28
CA PHE B 71 3.32 -27.61 -11.82
C PHE B 71 3.61 -27.94 -10.35
N THR B 72 2.73 -27.50 -9.46
N THR B 72 2.79 -27.44 -9.44
CA THR B 72 2.97 -27.56 -8.01
CA THR B 72 3.12 -27.60 -8.04
C THR B 72 2.73 -28.95 -7.39
C THR B 72 3.12 -29.06 -7.59
N ASN B 73 2.26 -29.88 -8.19
CA ASN B 73 2.15 -31.26 -7.74
C ASN B 73 2.63 -32.25 -8.81
N PRO B 74 3.55 -33.14 -8.43
CA PRO B 74 4.09 -34.16 -9.35
C PRO B 74 3.02 -35.08 -9.91
N GLU B 75 2.08 -35.51 -9.06
CA GLU B 75 1.04 -36.45 -9.49
C GLU B 75 -0.13 -35.78 -10.22
N GLU B 76 -0.06 -34.45 -10.40
CA GLU B 76 -1.09 -33.74 -11.17
C GLU B 76 -0.51 -32.98 -12.35
N GLY B 77 0.08 -33.69 -13.28
CA GLY B 77 0.76 -33.03 -14.39
C GLY B 77 -0.12 -32.81 -15.61
N ASP B 78 -1.39 -33.22 -15.55
CA ASP B 78 -2.26 -33.17 -16.72
C ASP B 78 -3.72 -32.87 -16.39
N LEU B 79 -4.42 -32.24 -17.33
CA LEU B 79 -5.75 -31.67 -17.08
C LEU B 79 -6.90 -32.63 -17.37
N ASN B 80 -6.60 -33.91 -17.55
CA ASN B 80 -7.64 -34.89 -17.80
C ASN B 80 -8.18 -35.51 -16.49
N PRO B 81 -9.48 -35.84 -16.47
CA PRO B 81 -10.15 -36.52 -15.35
C PRO B 81 -9.61 -37.93 -15.06
N PRO B 82 -9.59 -38.32 -13.78
CA PRO B 82 -9.22 -39.69 -13.40
C PRO B 82 -10.08 -40.75 -14.10
N VAL B 90 -18.77 -33.28 -6.01
CA VAL B 90 -19.01 -32.15 -6.92
C VAL B 90 -17.70 -31.51 -7.40
N SER B 91 -17.44 -31.63 -8.70
CA SER B 91 -16.21 -31.12 -9.31
C SER B 91 -16.48 -30.88 -10.78
N TYR B 92 -15.52 -30.34 -11.51
CA TYR B 92 -15.82 -29.87 -12.85
C TYR B 92 -14.55 -29.90 -13.67
N TYR B 93 -14.64 -30.48 -14.86
CA TYR B 93 -13.42 -30.74 -15.65
C TYR B 93 -13.56 -30.15 -17.04
N ASP B 94 -12.58 -29.36 -17.45
CA ASP B 94 -12.58 -28.86 -18.83
C ASP B 94 -11.17 -28.51 -19.24
N SER B 95 -10.55 -29.39 -20.02
CA SER B 95 -9.12 -29.26 -20.27
C SER B 95 -8.82 -28.01 -21.12
N THR B 96 -9.88 -27.40 -21.64
N THR B 96 -9.87 -27.36 -21.66
CA THR B 96 -9.73 -26.21 -22.48
CA THR B 96 -9.66 -26.16 -22.49
C THR B 96 -9.65 -24.92 -21.67
C THR B 96 -9.83 -24.85 -21.73
N TYR B 97 -10.23 -24.92 -20.48
CA TYR B 97 -10.34 -23.70 -19.68
C TYR B 97 -8.96 -23.06 -19.43
N LEU B 98 -8.85 -21.77 -19.75
CA LEU B 98 -7.65 -21.00 -19.53
C LEU B 98 -6.51 -21.40 -20.48
N SER B 99 -6.86 -21.69 -21.72
CA SER B 99 -5.87 -22.10 -22.71
C SER B 99 -5.66 -21.07 -23.84
N THR B 100 -6.31 -19.91 -23.77
CA THR B 100 -6.15 -18.94 -24.85
C THR B 100 -5.70 -17.63 -24.20
N ASP B 101 -5.00 -16.80 -24.96
CA ASP B 101 -4.55 -15.52 -24.41
C ASP B 101 -5.70 -14.70 -23.90
N ASN B 102 -6.83 -14.71 -24.61
CA ASN B 102 -7.97 -13.90 -24.15
C ASN B 102 -8.48 -14.32 -22.76
N GLU B 103 -8.50 -15.63 -22.50
CA GLU B 103 -8.97 -16.13 -21.21
C GLU B 103 -7.95 -15.77 -20.15
N LYS B 104 -6.66 -15.83 -20.51
CA LYS B 104 -5.65 -15.56 -19.49
C LYS B 104 -5.63 -14.04 -19.16
N ASP B 105 -5.91 -13.21 -20.18
CA ASP B 105 -6.10 -11.75 -19.94
C ASP B 105 -7.29 -11.51 -19.02
N ASN B 106 -8.39 -12.21 -19.27
CA ASN B 106 -9.56 -12.00 -18.42
C ASN B 106 -9.34 -12.49 -16.98
N TYR B 107 -8.60 -13.60 -16.87
CA TYR B 107 -8.16 -14.14 -15.57
C TYR B 107 -7.34 -13.12 -14.76
N LEU B 108 -6.31 -12.59 -15.37
CA LEU B 108 -5.49 -11.57 -14.75
C LEU B 108 -6.30 -10.34 -14.33
N LYS B 109 -7.18 -9.84 -15.19
CA LYS B 109 -8.01 -8.68 -14.78
C LYS B 109 -9.00 -9.04 -13.67
N GLY B 110 -9.57 -10.23 -13.70
CA GLY B 110 -10.53 -10.60 -12.67
C GLY B 110 -9.81 -10.69 -11.32
N VAL B 111 -8.64 -11.35 -11.28
CA VAL B 111 -7.88 -11.44 -10.02
C VAL B 111 -7.47 -10.01 -9.59
N THR B 112 -7.00 -9.20 -10.53
CA THR B 112 -6.66 -7.80 -10.18
C THR B 112 -7.85 -7.07 -9.50
N LYS B 113 -9.03 -7.18 -10.11
CA LYS B 113 -10.20 -6.50 -9.58
C LYS B 113 -10.57 -7.02 -8.20
N LEU B 114 -10.40 -8.31 -7.96
CA LEU B 114 -10.74 -8.86 -6.63
C LEU B 114 -9.72 -8.34 -5.56
N PHE B 115 -8.43 -8.24 -5.88
CA PHE B 115 -7.50 -7.66 -4.88
C PHE B 115 -7.90 -6.22 -4.58
N GLU B 116 -8.28 -5.42 -5.57
CA GLU B 116 -8.71 -4.01 -5.30
C GLU B 116 -9.95 -4.03 -4.48
N ARG B 117 -10.81 -5.00 -4.74
CA ARG B 117 -12.05 -5.06 -3.93
C ARG B 117 -11.75 -5.37 -2.46
N ILE B 118 -10.92 -6.36 -2.24
CA ILE B 118 -10.53 -6.69 -0.86
C ILE B 118 -9.86 -5.46 -0.23
N TYR B 119 -9.00 -4.81 -0.99
CA TYR B 119 -8.24 -3.67 -0.43
C TYR B 119 -9.12 -2.44 -0.17
N SER B 120 -10.33 -2.43 -0.74
CA SER B 120 -11.27 -1.32 -0.50
C SER B 120 -11.90 -1.40 0.86
N THR B 121 -11.72 -2.53 1.58
CA THR B 121 -12.32 -2.62 2.90
C THR B 121 -11.21 -2.48 3.97
N ASP B 122 -11.56 -2.03 5.16
CA ASP B 122 -10.48 -1.79 6.12
C ASP B 122 -9.86 -3.15 6.45
N LEU B 123 -10.71 -4.17 6.68
CA LEU B 123 -10.22 -5.50 7.06
C LEU B 123 -9.30 -6.06 5.98
N GLY B 124 -9.62 -5.81 4.70
CA GLY B 124 -8.74 -6.32 3.66
C GLY B 124 -7.41 -5.60 3.55
N ARG B 125 -7.37 -4.31 3.86
CA ARG B 125 -6.05 -3.67 3.91
C ARG B 125 -5.18 -4.22 5.06
N MET B 126 -5.81 -4.46 6.19
CA MET B 126 -5.10 -5.08 7.33
C MET B 126 -4.51 -6.43 6.92
N LEU B 127 -5.36 -7.30 6.35
CA LEU B 127 -4.93 -8.66 5.93
C LEU B 127 -3.84 -8.59 4.88
N LEU B 128 -4.02 -7.78 3.84
CA LEU B 128 -3.03 -7.77 2.75
C LEU B 128 -1.73 -7.19 3.24
N THR B 129 -1.80 -6.19 4.12
CA THR B 129 -0.56 -5.69 4.70
C THR B 129 0.16 -6.78 5.52
N SER B 130 -0.59 -7.51 6.33
CA SER B 130 0.08 -8.58 7.15
C SER B 130 0.78 -9.61 6.23
N ILE B 131 0.14 -9.93 5.11
CA ILE B 131 0.65 -10.92 4.15
C ILE B 131 1.92 -10.44 3.54
N VAL B 132 1.95 -9.17 3.11
CA VAL B 132 3.16 -8.68 2.48
C VAL B 132 4.34 -8.61 3.50
N ARG B 133 4.02 -8.24 4.74
CA ARG B 133 5.01 -8.22 5.81
C ARG B 133 5.51 -9.65 6.17
N GLY B 134 4.76 -10.71 5.81
CA GLY B 134 5.07 -12.05 6.36
C GLY B 134 6.07 -12.88 5.55
N ILE B 135 7.22 -12.27 5.30
CA ILE B 135 8.27 -12.87 4.53
C ILE B 135 8.70 -14.20 5.16
N PRO B 136 8.78 -15.29 4.36
CA PRO B 136 9.27 -16.54 4.96
C PRO B 136 10.67 -16.41 5.62
N PHE B 137 10.81 -17.01 6.78
CA PHE B 137 12.02 -16.84 7.55
C PHE B 137 13.24 -17.44 6.85
N TRP B 138 14.40 -16.81 7.03
CA TRP B 138 15.64 -17.36 6.47
C TRP B 138 16.23 -18.43 7.38
N GLY B 139 15.57 -19.59 7.42
CA GLY B 139 16.08 -20.67 8.25
C GLY B 139 16.79 -21.78 7.50
N GLY B 140 17.44 -21.49 6.37
CA GLY B 140 17.95 -22.56 5.53
C GLY B 140 19.30 -23.12 5.91
N SER B 141 19.98 -22.51 6.88
CA SER B 141 21.36 -22.92 7.20
C SER B 141 21.42 -24.07 8.22
N THR B 142 22.44 -24.91 8.09
CA THR B 142 22.77 -25.89 9.11
C THR B 142 23.77 -25.35 10.12
N ILE B 143 24.13 -24.09 9.98
CA ILE B 143 24.96 -23.40 10.97
C ILE B 143 24.10 -22.43 11.75
N ASP B 144 24.14 -22.58 13.06
CA ASP B 144 23.22 -21.90 13.96
C ASP B 144 23.48 -20.39 14.09
N THR B 145 24.56 -19.91 13.50
CA THR B 145 24.91 -18.50 13.60
C THR B 145 24.84 -17.83 12.21
N GLU B 146 24.35 -18.58 11.24
CA GLU B 146 24.29 -18.07 9.87
C GLU B 146 22.84 -18.04 9.37
N LEU B 147 22.43 -16.93 8.77
CA LEU B 147 21.11 -16.86 8.15
C LEU B 147 21.20 -17.20 6.67
N LYS B 148 20.23 -17.97 6.16
CA LYS B 148 20.23 -18.41 4.76
C LYS B 148 18.81 -18.61 4.26
N VAL B 149 18.52 -18.11 3.06
CA VAL B 149 17.17 -18.22 2.50
C VAL B 149 16.87 -19.70 2.25
N ILE B 150 15.61 -20.06 2.14
CA ILE B 150 15.24 -21.41 1.76
C ILE B 150 14.75 -21.36 0.32
N ASP B 151 15.29 -22.25 -0.52
CA ASP B 151 15.22 -22.08 -1.97
C ASP B 151 13.82 -22.21 -2.52
N THR B 152 13.01 -22.99 -1.84
CA THR B 152 11.64 -23.17 -2.27
C THR B 152 10.76 -21.97 -1.90
N ASN B 153 11.32 -20.94 -1.25
CA ASN B 153 10.57 -19.69 -1.03
C ASN B 153 10.93 -18.61 -2.06
N CYS B 154 11.38 -19.05 -3.24
CA CYS B 154 11.77 -18.18 -4.33
C CYS B 154 11.16 -18.67 -5.63
N ILE B 155 11.21 -17.81 -6.66
CA ILE B 155 11.02 -18.25 -8.05
C ILE B 155 12.25 -17.86 -8.85
N ASN B 156 12.44 -18.55 -9.98
CA ASN B 156 13.54 -18.25 -10.88
C ASN B 156 12.98 -17.44 -12.03
N VAL B 157 13.37 -16.18 -12.08
CA VAL B 157 12.82 -15.27 -13.06
C VAL B 157 13.73 -15.32 -14.25
N ILE B 158 13.21 -15.68 -15.42
CA ILE B 158 14.03 -15.88 -16.60
C ILE B 158 14.52 -14.55 -17.19
N GLN B 159 15.84 -14.49 -17.39
CA GLN B 159 16.55 -13.31 -17.90
C GLN B 159 16.62 -13.29 -19.42
N PRO B 160 16.99 -12.15 -20.01
CA PRO B 160 17.04 -12.03 -21.47
C PRO B 160 17.90 -13.08 -22.17
N ASP B 161 18.92 -13.60 -21.49
CA ASP B 161 19.80 -14.60 -22.12
C ASP B 161 19.41 -16.07 -21.82
N GLY B 162 18.38 -16.29 -21.01
CA GLY B 162 17.91 -17.64 -20.73
C GLY B 162 18.28 -18.14 -19.34
N SER B 163 19.23 -17.44 -18.71
CA SER B 163 19.66 -17.67 -17.32
C SER B 163 18.64 -17.15 -16.27
N TYR B 164 18.66 -17.71 -15.06
CA TYR B 164 17.75 -17.32 -13.98
C TYR B 164 18.28 -16.17 -13.10
N ARG B 165 17.37 -15.38 -12.55
CA ARG B 165 17.63 -14.61 -11.35
C ARG B 165 16.67 -15.16 -10.30
N SER B 166 17.16 -15.52 -9.12
CA SER B 166 16.29 -16.00 -8.04
C SER B 166 15.70 -14.83 -7.23
N GLU B 167 14.38 -14.85 -7.04
CA GLU B 167 13.67 -13.76 -6.39
C GLU B 167 12.76 -14.34 -5.29
N GLU B 168 12.91 -13.84 -4.08
CA GLU B 168 12.01 -14.18 -2.96
C GLU B 168 10.61 -13.64 -3.19
N LEU B 169 9.58 -14.41 -2.79
CA LEU B 169 8.21 -13.95 -2.84
C LEU B 169 7.40 -14.64 -1.74
N ASN B 170 6.27 -14.02 -1.39
CA ASN B 170 5.36 -14.53 -0.37
C ASN B 170 4.19 -15.32 -0.91
N LEU B 171 3.74 -14.98 -2.11
CA LEU B 171 2.42 -15.46 -2.55
C LEU B 171 2.31 -15.54 -4.07
N VAL B 172 1.76 -16.65 -4.56
CA VAL B 172 1.47 -16.79 -6.01
C VAL B 172 0.00 -17.14 -6.16
N ILE B 173 -0.72 -16.47 -7.07
CA ILE B 173 -2.06 -16.89 -7.45
C ILE B 173 -1.95 -17.58 -8.78
N ILE B 174 -2.52 -18.77 -8.90
CA ILE B 174 -2.36 -19.57 -10.11
C ILE B 174 -3.71 -20.22 -10.39
N GLY B 175 -3.98 -20.58 -11.64
CA GLY B 175 -5.26 -21.20 -11.97
C GLY B 175 -5.34 -22.60 -11.37
N PRO B 176 -6.53 -23.19 -11.40
CA PRO B 176 -6.78 -24.53 -10.87
C PRO B 176 -6.12 -25.62 -11.66
N SER B 177 -5.98 -26.80 -11.05
CA SER B 177 -5.41 -27.94 -11.73
C SER B 177 -6.52 -28.60 -12.54
N ALA B 178 -6.49 -29.93 -12.68
CA ALA B 178 -7.50 -30.66 -13.47
C ALA B 178 -8.91 -30.32 -13.02
N ASP B 179 -9.13 -30.39 -11.72
CA ASP B 179 -10.45 -30.07 -11.16
C ASP B 179 -10.58 -28.54 -11.02
N ILE B 180 -11.30 -27.91 -11.94
CA ILE B 180 -11.39 -26.45 -12.01
C ILE B 180 -11.94 -25.81 -10.75
N ILE B 181 -12.78 -26.53 -10.02
CA ILE B 181 -13.36 -25.91 -8.84
C ILE B 181 -12.76 -26.36 -7.54
N GLN B 182 -11.57 -26.93 -7.59
CA GLN B 182 -10.86 -27.27 -6.38
C GLN B 182 -9.86 -26.12 -6.03
N PHE B 183 -10.21 -25.28 -5.06
CA PHE B 183 -9.35 -24.14 -4.69
C PHE B 183 -8.61 -24.54 -3.41
N GLU B 184 -7.37 -24.08 -3.24
CA GLU B 184 -6.68 -24.32 -1.97
C GLU B 184 -5.46 -23.45 -1.84
N CYS B 185 -4.89 -23.41 -0.63
CA CYS B 185 -3.63 -22.73 -0.39
C CYS B 185 -2.59 -23.83 -0.04
N LYS B 186 -1.59 -24.03 -0.88
CA LYS B 186 -0.58 -25.09 -0.65
C LYS B 186 0.85 -24.49 -0.77
N SER B 187 1.86 -25.23 -0.32
CA SER B 187 3.24 -24.73 -0.34
C SER B 187 4.21 -25.90 -0.28
N PHE B 188 5.48 -25.62 -0.53
CA PHE B 188 6.49 -26.67 -0.67
C PHE B 188 7.14 -26.91 0.68
N GLY B 189 7.31 -28.18 0.99
CA GLY B 189 7.79 -28.60 2.28
C GLY B 189 9.29 -28.61 2.31
N HIS B 190 9.80 -28.76 3.51
CA HIS B 190 11.22 -28.92 3.75
C HIS B 190 11.47 -30.36 4.23
N GLU B 191 12.71 -30.80 4.11
CA GLU B 191 13.08 -32.16 4.42
C GLU B 191 12.97 -32.44 5.92
N VAL B 192 13.34 -31.45 6.73
CA VAL B 192 13.24 -31.63 8.17
C VAL B 192 12.38 -30.58 8.88
N LEU B 193 12.19 -29.41 8.29
CA LEU B 193 11.38 -28.39 8.95
C LEU B 193 9.91 -28.48 8.55
N ASN B 194 9.01 -28.13 9.47
CA ASN B 194 7.59 -27.96 9.15
C ASN B 194 7.31 -26.47 9.06
N LEU B 195 7.62 -25.89 7.90
CA LEU B 195 7.63 -24.43 7.74
C LEU B 195 6.30 -23.71 8.05
N THR B 196 5.17 -24.36 7.82
CA THR B 196 3.87 -23.74 8.11
C THR B 196 3.45 -23.97 9.56
N ARG B 197 4.26 -24.68 10.36
CA ARG B 197 3.84 -24.93 11.72
C ARG B 197 4.95 -24.72 12.73
N ASN B 198 6.01 -24.02 12.33
CA ASN B 198 7.14 -23.78 13.25
C ASN B 198 7.48 -22.28 13.29
N GLY B 199 6.57 -21.44 12.79
CA GLY B 199 6.71 -19.98 12.91
C GLY B 199 7.46 -19.37 11.74
N TYR B 200 8.08 -20.19 10.91
CA TYR B 200 9.00 -19.68 9.90
C TYR B 200 8.20 -19.14 8.72
N GLY B 201 7.29 -19.96 8.24
CA GLY B 201 6.44 -19.65 7.07
C GLY B 201 7.10 -20.06 5.77
N SER B 202 6.32 -20.09 4.68
CA SER B 202 6.89 -20.48 3.41
C SER B 202 6.03 -19.83 2.33
N THR B 203 6.56 -19.81 1.12
CA THR B 203 5.83 -19.16 0.02
C THR B 203 4.52 -19.94 -0.26
N GLN B 204 3.40 -19.25 -0.35
CA GLN B 204 2.09 -19.88 -0.58
C GLN B 204 1.64 -19.74 -2.04
N TYR B 205 1.03 -20.80 -2.52
CA TYR B 205 0.45 -20.92 -3.86
C TYR B 205 -1.08 -21.14 -3.71
N ILE B 206 -1.88 -20.20 -4.20
CA ILE B 206 -3.35 -20.31 -4.10
C ILE B 206 -3.81 -20.72 -5.45
N ARG B 207 -4.39 -21.92 -5.52
CA ARG B 207 -5.14 -22.33 -6.70
C ARG B 207 -6.49 -21.65 -6.62
N PHE B 208 -6.86 -20.85 -7.63
CA PHE B 208 -8.12 -20.08 -7.58
C PHE B 208 -8.57 -19.71 -9.00
N SER B 209 -9.86 -19.47 -9.19
CA SER B 209 -10.36 -18.94 -10.49
C SER B 209 -11.42 -17.89 -10.18
N PRO B 210 -11.30 -16.69 -10.80
CA PRO B 210 -12.31 -15.63 -10.72
C PRO B 210 -13.49 -15.90 -11.66
N ASP B 211 -13.41 -16.99 -12.44
CA ASP B 211 -14.34 -17.26 -13.57
C ASP B 211 -15.55 -18.15 -13.22
N PHE B 212 -15.60 -18.60 -11.97
CA PHE B 212 -16.67 -19.49 -11.47
C PHE B 212 -17.03 -19.11 -10.06
N THR B 213 -18.25 -19.41 -9.63
CA THR B 213 -18.53 -19.29 -8.22
C THR B 213 -19.58 -20.33 -7.82
N PHE B 214 -19.97 -20.29 -6.56
CA PHE B 214 -20.76 -21.36 -5.95
C PHE B 214 -22.11 -20.90 -5.36
N GLY B 215 -23.13 -21.76 -5.47
CA GLY B 215 -24.45 -21.41 -4.97
C GLY B 215 -24.68 -21.73 -3.48
N PHE B 216 -25.62 -21.03 -2.83
CA PHE B 216 -26.12 -21.39 -1.49
C PHE B 216 -27.60 -20.91 -1.37
N GLU B 217 -28.37 -21.46 -0.42
CA GLU B 217 -29.78 -21.06 -0.25
C GLU B 217 -30.02 -20.35 1.08
N GLU B 218 -30.95 -19.41 1.11
CA GLU B 218 -31.30 -18.70 2.35
C GLU B 218 -32.28 -19.53 3.15
N SER B 219 -32.28 -19.30 4.46
CA SER B 219 -33.28 -19.87 5.38
C SER B 219 -34.71 -19.59 4.83
N LEU B 220 -35.68 -20.44 5.19
CA LEU B 220 -37.08 -20.28 4.76
C LEU B 220 -37.74 -18.95 5.21
N GLU B 221 -37.23 -18.39 6.30
CA GLU B 221 -37.75 -17.12 6.78
C GLU B 221 -36.56 -16.33 7.25
N VAL B 222 -36.40 -15.15 6.66
CA VAL B 222 -35.40 -14.20 7.12
C VAL B 222 -36.19 -13.08 7.78
N ASP B 223 -36.05 -12.98 9.09
CA ASP B 223 -36.92 -12.11 9.86
C ASP B 223 -36.51 -10.63 9.72
N THR B 224 -35.23 -10.43 9.41
CA THR B 224 -34.68 -9.09 9.20
C THR B 224 -34.94 -8.56 7.80
N ASN B 225 -35.26 -9.46 6.87
CA ASN B 225 -35.70 -9.07 5.53
C ASN B 225 -36.47 -10.20 4.84
N PRO B 226 -37.79 -10.25 5.03
CA PRO B 226 -38.58 -11.42 4.62
C PRO B 226 -38.46 -11.76 3.14
N LEU B 227 -37.96 -10.82 2.32
CA LEU B 227 -37.91 -11.01 0.87
C LEU B 227 -36.80 -12.00 0.44
N LEU B 228 -35.82 -12.22 1.30
CA LEU B 228 -34.75 -13.19 1.03
C LEU B 228 -35.19 -14.63 1.36
N GLY B 229 -36.32 -14.79 2.03
CA GLY B 229 -36.84 -16.11 2.34
C GLY B 229 -36.70 -17.13 1.19
N ALA B 230 -35.95 -18.20 1.45
CA ALA B 230 -35.73 -19.28 0.46
C ALA B 230 -35.21 -18.84 -0.92
N GLY B 231 -34.43 -17.76 -0.98
CA GLY B 231 -33.84 -17.36 -2.26
C GLY B 231 -32.60 -18.21 -2.58
N LYS B 232 -32.23 -18.27 -3.87
CA LYS B 232 -30.99 -18.91 -4.33
C LYS B 232 -29.93 -17.86 -4.71
N PHE B 233 -28.76 -17.91 -4.07
CA PHE B 233 -27.80 -16.84 -4.26
C PHE B 233 -26.44 -17.42 -4.65
N ALA B 234 -25.54 -16.56 -5.15
CA ALA B 234 -24.17 -16.97 -5.48
C ALA B 234 -23.21 -16.33 -4.47
N THR B 235 -22.14 -17.04 -4.15
CA THR B 235 -21.05 -16.47 -3.33
C THR B 235 -20.29 -15.40 -4.11
N ASP B 236 -19.93 -14.29 -3.44
CA ASP B 236 -19.10 -13.26 -4.05
C ASP B 236 -17.67 -13.78 -4.05
N PRO B 237 -17.00 -13.84 -5.24
CA PRO B 237 -15.65 -14.44 -5.32
C PRO B 237 -14.58 -13.69 -4.54
N ALA B 238 -14.81 -12.41 -4.18
CA ALA B 238 -13.94 -11.66 -3.26
C ALA B 238 -13.91 -12.36 -1.87
N VAL B 239 -15.04 -12.92 -1.44
CA VAL B 239 -15.09 -13.72 -0.19
C VAL B 239 -14.25 -14.96 -0.30
N THR B 240 -14.41 -15.68 -1.41
CA THR B 240 -13.64 -16.93 -1.62
C THR B 240 -12.14 -16.66 -1.64
N LEU B 241 -11.73 -15.61 -2.34
CA LEU B 241 -10.30 -15.31 -2.41
C LEU B 241 -9.83 -14.86 -1.03
N ALA B 242 -10.62 -14.03 -0.37
CA ALA B 242 -10.21 -13.57 0.96
C ALA B 242 -10.00 -14.80 1.86
N HIS B 243 -10.87 -15.78 1.75
CA HIS B 243 -10.73 -17.03 2.55
C HIS B 243 -9.39 -17.69 2.29
N GLU B 244 -9.02 -17.85 1.02
CA GLU B 244 -7.69 -18.40 0.67
C GLU B 244 -6.51 -17.57 1.22
N LEU B 245 -6.62 -16.24 1.12
CA LEU B 245 -5.61 -15.33 1.63
C LEU B 245 -5.43 -15.46 3.15
N ILE B 246 -6.52 -15.71 3.86
CA ILE B 246 -6.45 -15.94 5.31
C ILE B 246 -5.64 -17.20 5.65
N HIS B 247 -5.84 -18.30 4.91
CA HIS B 247 -4.97 -19.47 5.02
C HIS B 247 -3.54 -19.07 4.77
N ALA B 248 -3.30 -18.26 3.75
CA ALA B 248 -1.95 -17.85 3.42
C ALA B 248 -1.36 -17.07 4.60
N GLY B 249 -2.12 -16.21 5.27
CA GLY B 249 -1.57 -15.47 6.39
C GLY B 249 -1.16 -16.45 7.47
N HIS B 250 -2.03 -17.41 7.80
CA HIS B 250 -1.62 -18.41 8.80
C HIS B 250 -0.31 -19.07 8.42
N ARG B 251 -0.19 -19.50 7.16
CA ARG B 251 0.95 -20.32 6.74
C ARG B 251 2.24 -19.50 6.56
N LEU B 252 2.12 -18.24 6.16
CA LEU B 252 3.26 -17.31 6.10
C LEU B 252 3.85 -17.01 7.50
N TYR B 253 3.02 -16.96 8.52
CA TYR B 253 3.54 -16.73 9.89
C TYR B 253 3.82 -18.08 10.59
N GLY B 254 3.69 -19.16 9.84
CA GLY B 254 3.99 -20.50 10.34
C GLY B 254 3.14 -20.95 11.53
N ILE B 255 1.88 -20.55 11.54
CA ILE B 255 0.99 -20.90 12.66
C ILE B 255 -0.26 -21.67 12.21
N ALA B 256 -0.15 -22.40 11.10
CA ALA B 256 -1.27 -23.18 10.57
C ALA B 256 -1.54 -24.37 11.47
N ILE B 257 -2.77 -24.85 11.54
CA ILE B 257 -3.01 -26.08 12.28
C ILE B 257 -2.84 -27.30 11.36
N ASN B 258 -2.18 -28.35 11.85
CA ASN B 258 -1.97 -29.55 11.03
C ASN B 258 -3.27 -30.02 10.37
N PRO B 259 -3.28 -30.21 9.04
CA PRO B 259 -4.57 -30.60 8.45
C PRO B 259 -5.03 -32.00 8.86
N ASN B 260 -4.27 -32.70 9.71
CA ASN B 260 -4.71 -34.03 10.24
C ASN B 260 -5.47 -33.90 11.55
N ARG B 261 -5.61 -32.66 12.03
CA ARG B 261 -6.53 -32.31 13.11
C ARG B 261 -7.88 -31.98 12.48
N VAL B 262 -8.87 -32.86 12.68
CA VAL B 262 -10.19 -32.76 12.02
C VAL B 262 -11.35 -32.91 12.99
N PHE B 263 -12.50 -32.36 12.63
CA PHE B 263 -13.72 -32.45 13.42
C PHE B 263 -14.77 -33.23 12.64
N GLU B 277 -15.52 -35.33 7.75
CA GLU B 277 -14.67 -34.58 8.66
C GLU B 277 -14.13 -33.31 8.02
N VAL B 278 -13.97 -32.28 8.85
CA VAL B 278 -13.51 -30.98 8.37
C VAL B 278 -12.35 -30.53 9.24
N SER B 279 -11.29 -30.07 8.58
CA SER B 279 -10.08 -29.65 9.29
C SER B 279 -10.34 -28.48 10.24
N PHE B 280 -9.66 -28.47 11.38
CA PHE B 280 -9.71 -27.32 12.28
C PHE B 280 -9.29 -26.07 11.51
N GLU B 281 -8.27 -26.19 10.67
CA GLU B 281 -7.69 -25.02 9.99
C GLU B 281 -8.78 -24.36 9.15
N GLU B 282 -9.65 -25.21 8.64
CA GLU B 282 -10.71 -24.82 7.74
C GLU B 282 -11.79 -24.08 8.56
N LEU B 283 -12.19 -24.67 9.70
CA LEU B 283 -13.20 -24.07 10.57
C LEU B 283 -12.75 -22.72 11.16
N ARG B 284 -11.48 -22.67 11.56
CA ARG B 284 -10.88 -21.44 12.08
CA ARG B 284 -10.89 -21.43 12.08
C ARG B 284 -10.95 -20.33 11.03
N THR B 285 -10.62 -20.69 9.79
CA THR B 285 -10.56 -19.72 8.70
C THR B 285 -11.96 -19.19 8.36
N PHE B 286 -12.97 -20.06 8.45
CA PHE B 286 -14.35 -19.60 8.24
C PHE B 286 -14.83 -18.65 9.35
N GLY B 287 -14.64 -19.03 10.61
CA GLY B 287 -14.97 -18.10 11.67
C GLY B 287 -16.40 -18.31 12.13
N GLY B 288 -17.01 -17.25 12.66
CA GLY B 288 -18.38 -17.35 13.17
C GLY B 288 -18.53 -18.52 14.12
N HIS B 289 -19.69 -19.15 14.09
CA HIS B 289 -20.01 -20.19 15.08
C HIS B 289 -19.27 -21.50 14.80
N ASP B 290 -18.84 -21.65 13.55
CA ASP B 290 -18.02 -22.79 13.19
C ASP B 290 -16.75 -22.87 14.03
N ALA B 291 -16.17 -21.72 14.33
CA ALA B 291 -14.92 -21.68 15.05
C ALA B 291 -15.17 -22.05 16.51
N LYS B 292 -16.45 -22.12 16.88
CA LYS B 292 -16.84 -22.54 18.23
C LYS B 292 -16.71 -24.05 18.43
N PHE B 293 -16.60 -24.80 17.34
CA PHE B 293 -16.49 -26.25 17.42
C PHE B 293 -15.08 -26.71 17.79
N ILE B 294 -14.09 -25.88 17.44
CA ILE B 294 -12.70 -26.17 17.76
C ILE B 294 -12.57 -26.46 19.24
N ASP B 295 -12.17 -27.70 19.55
CA ASP B 295 -11.82 -28.05 20.90
C ASP B 295 -10.99 -26.90 21.48
N SER B 296 -11.40 -26.39 22.64
CA SER B 296 -10.80 -25.16 23.20
C SER B 296 -9.51 -25.38 24.01
N LEU B 297 -9.24 -26.61 24.41
CA LEU B 297 -7.98 -26.93 25.08
C LEU B 297 -6.95 -27.19 24.02
N GLN B 298 -7.40 -27.81 22.93
CA GLN B 298 -6.56 -27.93 21.75
C GLN B 298 -6.17 -26.53 21.25
N GLU B 299 -7.09 -25.56 21.36
CA GLU B 299 -6.87 -24.20 20.84
C GLU B 299 -5.95 -23.32 21.73
N ASN B 300 -6.08 -23.48 23.04
CA ASN B 300 -5.24 -22.74 23.97
C ASN B 300 -3.77 -23.20 23.90
N GLU B 301 -3.57 -24.46 23.51
CA GLU B 301 -2.25 -25.06 23.45
C GLU B 301 -1.52 -24.55 22.22
N PHE B 302 -2.26 -24.36 21.13
CA PHE B 302 -1.69 -23.82 19.90
C PHE B 302 -1.06 -22.46 20.21
N ARG B 303 -1.75 -21.66 21.01
CA ARG B 303 -1.32 -20.29 21.26
C ARG B 303 0.02 -20.30 22.00
N LEU B 304 0.12 -21.12 23.03
CA LEU B 304 1.35 -21.26 23.81
C LEU B 304 2.52 -21.79 22.98
N TYR B 305 2.24 -22.82 22.17
CA TYR B 305 3.23 -23.47 21.31
C TYR B 305 3.86 -22.43 20.36
N TYR B 306 3.01 -21.60 19.74
CA TYR B 306 3.49 -20.69 18.69
C TYR B 306 4.22 -19.48 19.32
N TYR B 307 3.77 -19.06 20.48
CA TYR B 307 4.51 -18.10 21.28
C TYR B 307 5.94 -18.60 21.50
N ASN B 308 6.10 -19.87 21.90
CA ASN B 308 7.46 -20.38 22.07
C ASN B 308 8.24 -20.50 20.72
N LYS B 309 7.56 -20.88 19.63
CA LYS B 309 8.23 -20.93 18.34
C LYS B 309 8.78 -19.53 18.00
N PHE B 310 7.99 -18.49 18.23
CA PHE B 310 8.44 -17.12 17.95
C PHE B 310 9.63 -16.77 18.85
N LYS B 311 9.60 -17.24 20.09
CA LYS B 311 10.75 -16.99 20.97
C LYS B 311 11.99 -17.64 20.35
N ASP B 312 11.84 -18.85 19.82
CA ASP B 312 12.97 -19.54 19.24
C ASP B 312 13.56 -18.76 18.04
N ILE B 313 12.69 -18.16 17.24
CA ILE B 313 13.13 -17.31 16.12
C ILE B 313 13.86 -16.02 16.62
N ALA B 314 13.34 -15.39 17.66
CA ALA B 314 14.04 -14.27 18.29
C ALA B 314 15.44 -14.68 18.69
N SER B 315 15.53 -15.84 19.33
CA SER B 315 16.81 -16.36 19.82
C SER B 315 17.77 -16.62 18.65
N THR B 316 17.27 -17.19 17.55
CA THR B 316 18.09 -17.41 16.35
C THR B 316 18.55 -16.08 15.74
N LEU B 317 17.74 -15.03 15.79
CA LEU B 317 18.14 -13.73 15.22
C LEU B 317 19.28 -13.10 16.07
N ASN B 318 19.21 -13.36 17.38
CA ASN B 318 20.16 -12.82 18.34
C ASN B 318 21.55 -13.46 18.18
N LYS B 319 21.54 -14.71 17.72
CA LYS B 319 22.78 -15.51 17.57
C LYS B 319 23.44 -15.29 16.22
N ALA B 320 22.72 -14.66 15.30
CA ALA B 320 23.16 -14.48 13.93
C ALA B 320 24.38 -13.58 13.83
N LYS B 321 25.47 -14.14 13.33
CA LYS B 321 26.73 -13.43 13.07
C LYS B 321 26.92 -13.17 11.58
N SER B 322 26.36 -14.03 10.74
CA SER B 322 26.68 -13.95 9.31
C SER B 322 25.47 -14.26 8.42
N ILE B 323 25.54 -13.84 7.17
CA ILE B 323 24.48 -14.07 6.21
C ILE B 323 25.09 -14.62 4.92
N VAL B 324 24.32 -15.48 4.23
CA VAL B 324 24.70 -16.09 2.95
C VAL B 324 24.05 -15.42 1.75
N GLY B 325 24.82 -15.10 0.72
CA GLY B 325 24.28 -14.42 -0.45
C GLY B 325 25.03 -13.14 -0.79
N THR B 327 25.16 -10.32 -1.67
CA THR B 327 24.04 -9.43 -1.98
C THR B 327 23.23 -9.12 -0.73
N ALA B 328 23.08 -10.12 0.13
CA ALA B 328 22.24 -10.03 1.32
C ALA B 328 22.89 -9.11 2.38
N SER B 329 22.09 -8.41 3.17
CA SER B 329 22.65 -7.61 4.27
C SER B 329 22.10 -8.18 5.59
N LEU B 330 22.98 -8.56 6.52
CA LEU B 330 22.51 -9.16 7.78
C LEU B 330 21.62 -8.22 8.53
N GLN B 331 22.00 -6.95 8.65
CA GLN B 331 21.14 -5.96 9.37
C GLN B 331 19.78 -5.83 8.72
N TYR B 332 19.74 -5.65 7.40
CA TYR B 332 18.44 -5.58 6.70
C TYR B 332 17.53 -6.77 7.07
N MET B 333 18.03 -8.00 7.00
N MET B 333 18.05 -7.98 6.98
CA MET B 333 17.14 -9.14 7.21
CA MET B 333 17.23 -9.17 7.21
C MET B 333 16.80 -9.35 8.69
C MET B 333 16.78 -9.21 8.67
N LYS B 334 17.69 -8.98 9.61
CA LYS B 334 17.31 -8.95 11.05
C LYS B 334 16.15 -8.00 11.31
N ASN B 335 16.19 -6.81 10.72
CA ASN B 335 15.11 -5.85 10.87
C ASN B 335 13.87 -6.19 10.04
N VAL B 336 14.02 -6.98 8.96
CA VAL B 336 12.83 -7.51 8.26
C VAL B 336 12.04 -8.40 9.21
N PHE B 337 12.75 -9.25 9.97
CA PHE B 337 12.06 -10.22 10.80
C PHE B 337 11.69 -9.62 12.15
N LYS B 338 12.49 -8.67 12.64
CA LYS B 338 12.01 -7.83 13.75
C LYS B 338 10.63 -7.26 13.41
N GLU B 339 10.51 -6.69 12.21
CA GLU B 339 9.24 -6.12 11.80
C GLU B 339 8.16 -7.21 11.64
N LYS B 340 8.47 -8.29 10.96
CA LYS B 340 7.46 -9.33 10.70
C LYS B 340 6.79 -9.77 12.00
N TYR B 341 7.61 -10.13 12.97
CA TYR B 341 7.16 -10.82 14.17
C TYR B 341 6.88 -9.84 15.32
N LEU B 342 6.93 -8.53 15.03
CA LEU B 342 6.70 -7.51 16.06
C LEU B 342 7.59 -7.73 17.31
N LEU B 343 8.88 -7.99 17.09
CA LEU B 343 9.74 -8.29 18.25
C LEU B 343 10.14 -6.98 18.94
N SER B 344 10.37 -7.05 20.25
CA SER B 344 10.94 -5.95 21.02
C SER B 344 12.43 -5.99 20.95
N GLU B 345 13.07 -4.85 21.14
CA GLU B 345 14.51 -4.78 21.09
C GLU B 345 14.99 -3.96 22.30
N ASP B 346 15.89 -4.50 23.09
CA ASP B 346 16.35 -3.77 24.28
C ASP B 346 17.51 -2.81 23.96
N THR B 347 17.98 -2.06 24.97
CA THR B 347 18.99 -1.01 24.75
C THR B 347 20.29 -1.60 24.29
N SER B 348 20.41 -2.93 24.39
CA SER B 348 21.60 -3.64 23.92
C SER B 348 21.44 -4.31 22.53
N GLY B 349 20.28 -4.15 21.88
CA GLY B 349 20.09 -4.64 20.51
C GLY B 349 19.61 -6.08 20.44
N LYS B 350 19.30 -6.63 21.61
CA LYS B 350 18.80 -7.99 21.73
C LYS B 350 17.28 -8.03 21.51
N PHE B 351 16.85 -8.93 20.61
CA PHE B 351 15.43 -9.08 20.31
C PHE B 351 14.68 -9.99 21.30
N SER B 352 13.42 -9.67 21.57
CA SER B 352 12.58 -10.45 22.47
C SER B 352 11.15 -10.56 21.92
N VAL B 353 10.39 -11.59 22.29
CA VAL B 353 8.97 -11.60 21.97
C VAL B 353 8.24 -10.92 23.10
N ASP B 354 7.42 -9.95 22.76
CA ASP B 354 6.57 -9.31 23.78
C ASP B 354 5.18 -9.99 23.83
N LYS B 355 4.76 -10.43 25.01
CA LYS B 355 3.48 -11.13 25.18
C LYS B 355 2.29 -10.40 24.57
N LEU B 356 2.22 -9.09 24.75
CA LEU B 356 1.08 -8.33 24.23
C LEU B 356 1.12 -8.20 22.71
N LYS B 357 2.30 -8.00 22.14
CA LYS B 357 2.43 -7.88 20.68
C LYS B 357 2.20 -9.26 20.01
N PHE B 358 2.57 -10.31 20.71
CA PHE B 358 2.29 -11.64 20.23
C PHE B 358 0.80 -11.93 20.21
N ASP B 359 0.10 -11.58 21.31
CA ASP B 359 -1.35 -11.79 21.37
C ASP B 359 -2.08 -11.00 20.31
N LYS B 360 -1.58 -9.81 20.04
CA LYS B 360 -2.15 -8.95 19.00
C LYS B 360 -1.99 -9.56 17.64
N LEU B 361 -0.76 -9.92 17.29
CA LEU B 361 -0.50 -10.48 15.98
C LEU B 361 -1.28 -11.80 15.80
N TYR B 362 -1.20 -12.68 16.78
CA TYR B 362 -1.79 -14.01 16.62
C TYR B 362 -3.30 -13.95 16.48
N LYS B 363 -3.92 -13.17 17.36
CA LYS B 363 -5.35 -13.00 17.37
C LYS B 363 -5.83 -12.28 16.09
N MET B 364 -5.05 -11.36 15.57
CA MET B 364 -5.38 -10.76 14.29
C MET B 364 -5.43 -11.85 13.19
N LEU B 365 -4.37 -12.63 13.07
CA LEU B 365 -4.29 -13.66 12.03
C LEU B 365 -5.34 -14.75 12.20
N THR B 366 -5.71 -15.10 13.43
CA THR B 366 -6.59 -16.26 13.61
C THR B 366 -8.04 -15.96 13.95
N GLU B 367 -8.33 -14.86 14.63
CA GLU B 367 -9.73 -14.59 14.98
C GLU B 367 -10.33 -13.38 14.24
N ILE B 368 -9.50 -12.43 13.85
CA ILE B 368 -10.07 -11.24 13.23
C ILE B 368 -10.22 -11.44 11.73
N TYR B 369 -9.20 -12.02 11.11
CA TYR B 369 -9.21 -12.31 9.69
C TYR B 369 -9.97 -13.63 9.50
N THR B 370 -11.27 -13.53 9.26
CA THR B 370 -12.07 -14.72 9.01
C THR B 370 -13.02 -14.46 7.84
N GLU B 371 -13.43 -15.53 7.17
CA GLU B 371 -14.41 -15.43 6.07
C GLU B 371 -15.65 -14.68 6.58
N ASP B 372 -16.14 -15.12 7.72
CA ASP B 372 -17.33 -14.52 8.31
C ASP B 372 -17.21 -13.01 8.54
N ASN B 373 -16.04 -12.53 8.99
CA ASN B 373 -15.86 -11.10 9.20
C ASN B 373 -15.74 -10.37 7.88
N PHE B 374 -15.19 -11.02 6.86
CA PHE B 374 -15.12 -10.33 5.54
C PHE B 374 -16.52 -10.12 4.98
N VAL B 375 -17.42 -11.04 5.28
CA VAL B 375 -18.80 -10.96 4.76
C VAL B 375 -19.47 -9.65 5.31
N LYS B 376 -19.21 -9.38 6.58
CA LYS B 376 -19.71 -8.15 7.23
C LYS B 376 -19.17 -6.89 6.57
N PHE B 377 -17.90 -6.89 6.19
CA PHE B 377 -17.32 -5.70 5.58
C PHE B 377 -17.77 -5.47 4.14
N PHE B 378 -17.95 -6.55 3.37
CA PHE B 378 -18.37 -6.42 1.99
C PHE B 378 -19.89 -6.17 1.94
N LYS B 379 -20.60 -6.50 3.02
CA LYS B 379 -22.05 -6.40 3.05
C LYS B 379 -22.70 -7.27 1.97
N VAL B 380 -22.35 -8.55 1.95
CA VAL B 380 -22.91 -9.49 0.98
C VAL B 380 -23.61 -10.59 1.76
N LEU B 381 -24.37 -11.42 1.07
CA LEU B 381 -24.94 -12.58 1.68
C LEU B 381 -23.92 -13.69 1.47
N ASN B 382 -23.90 -14.69 2.33
CA ASN B 382 -22.88 -15.74 2.19
C ASN B 382 -23.39 -16.97 2.91
N ARG B 383 -22.80 -18.12 2.62
CA ARG B 383 -23.14 -19.32 3.36
C ARG B 383 -22.98 -19.04 4.86
N LYS B 384 -23.75 -19.75 5.68
CA LYS B 384 -23.80 -19.47 7.10
C LYS B 384 -22.81 -20.31 7.89
N THR B 385 -22.49 -21.48 7.34
CA THR B 385 -21.43 -22.36 7.88
C THR B 385 -20.63 -22.98 6.74
N TYR B 386 -19.53 -23.67 7.05
CA TYR B 386 -18.67 -24.24 6.01
C TYR B 386 -19.43 -25.29 5.19
N LEU B 387 -20.43 -25.93 5.80
CA LEU B 387 -21.23 -26.92 5.08
C LEU B 387 -22.37 -26.34 4.24
N ASN B 388 -22.79 -25.09 4.54
CA ASN B 388 -23.96 -24.48 3.91
C ASN B 388 -23.76 -24.05 2.46
N PHE B 389 -23.15 -24.92 1.67
CA PHE B 389 -23.22 -24.81 0.22
C PHE B 389 -24.29 -25.79 -0.26
N ASP B 390 -25.15 -25.35 -1.18
CA ASP B 390 -25.88 -26.29 -2.00
C ASP B 390 -24.88 -26.74 -3.06
N LYS B 391 -25.31 -27.54 -4.02
CA LYS B 391 -24.31 -28.15 -4.87
C LYS B 391 -24.11 -27.42 -6.21
N ALA B 392 -24.68 -26.22 -6.38
CA ALA B 392 -24.65 -25.54 -7.67
C ALA B 392 -23.35 -24.78 -7.94
N VAL B 393 -22.89 -24.80 -9.19
CA VAL B 393 -21.71 -24.06 -9.61
C VAL B 393 -22.07 -23.23 -10.83
N PHE B 394 -21.52 -22.03 -10.91
CA PHE B 394 -21.87 -21.05 -11.96
C PHE B 394 -20.63 -20.48 -12.61
N LYS B 395 -20.74 -20.26 -13.91
CA LYS B 395 -19.77 -19.48 -14.66
C LYS B 395 -20.18 -18.00 -14.56
N ILE B 396 -19.21 -17.14 -14.28
CA ILE B 396 -19.48 -15.74 -14.10
C ILE B 396 -18.45 -14.97 -14.89
N ASN B 397 -18.67 -13.67 -15.02
CA ASN B 397 -17.59 -12.82 -15.57
C ASN B 397 -17.57 -11.48 -14.86
N ILE B 398 -16.60 -11.27 -13.97
CA ILE B 398 -16.70 -10.06 -13.08
C ILE B 398 -15.87 -8.90 -13.64
N VAL B 399 -15.28 -9.07 -14.83
CA VAL B 399 -14.36 -8.05 -15.34
C VAL B 399 -15.14 -6.79 -15.88
N PRO B 400 -16.25 -6.98 -16.64
CA PRO B 400 -17.08 -5.78 -16.99
C PRO B 400 -17.66 -5.02 -15.81
N LYS B 401 -17.43 -3.71 -15.74
CA LYS B 401 -18.03 -2.83 -14.71
C LYS B 401 -19.55 -3.03 -14.60
N VAL B 402 -20.22 -3.31 -15.73
CA VAL B 402 -21.67 -3.41 -15.66
C VAL B 402 -22.13 -4.70 -15.00
N ASN B 403 -21.20 -5.63 -14.73
CA ASN B 403 -21.53 -6.93 -14.11
C ASN B 403 -21.18 -6.96 -12.62
N TYR B 404 -20.10 -6.26 -12.26
CA TYR B 404 -19.49 -6.42 -10.93
C TYR B 404 -18.54 -5.26 -10.73
N THR B 405 -18.57 -4.65 -9.55
CA THR B 405 -17.67 -3.52 -9.28
C THR B 405 -16.87 -3.75 -8.03
N ILE B 406 -15.77 -3.03 -7.92
CA ILE B 406 -14.92 -3.05 -6.70
C ILE B 406 -15.70 -2.72 -5.43
N TYR B 407 -16.54 -1.66 -5.43
CA TYR B 407 -17.25 -1.28 -4.20
C TYR B 407 -18.47 -2.13 -3.87
N ASP B 408 -19.16 -2.62 -4.89
CA ASP B 408 -20.46 -3.27 -4.65
C ASP B 408 -20.53 -4.77 -5.01
N GLY B 409 -19.46 -5.37 -5.54
CA GLY B 409 -19.58 -6.77 -5.99
C GLY B 409 -20.71 -6.90 -7.03
N PHE B 410 -21.58 -7.91 -6.94
CA PHE B 410 -22.70 -7.96 -7.91
C PHE B 410 -23.87 -6.97 -7.63
N ASN B 411 -23.94 -6.39 -6.44
CA ASN B 411 -25.15 -5.69 -5.98
C ASN B 411 -25.07 -4.20 -6.35
N LEU B 412 -25.14 -3.91 -7.64
CA LEU B 412 -24.75 -2.58 -8.14
C LEU B 412 -25.67 -1.45 -7.63
N ARG B 413 -25.06 -0.44 -7.06
CA ARG B 413 -25.84 0.71 -6.57
C ARG B 413 -26.52 1.43 -7.74
N ASN B 414 -27.61 2.14 -7.48
CA ASN B 414 -28.37 2.75 -8.54
C ASN B 414 -28.71 1.82 -9.72
N THR B 415 -28.91 0.53 -9.41
CA THR B 415 -29.65 -0.36 -10.32
C THR B 415 -30.65 -1.10 -9.44
N ASN B 416 -31.58 -1.82 -10.06
CA ASN B 416 -32.49 -2.66 -9.29
C ASN B 416 -31.76 -3.84 -8.58
N LEU B 417 -30.47 -4.03 -8.83
CA LEU B 417 -29.72 -5.06 -8.13
C LEU B 417 -29.16 -4.59 -6.78
N ALA B 418 -29.28 -3.29 -6.47
CA ALA B 418 -28.65 -2.68 -5.29
C ALA B 418 -29.25 -3.19 -3.98
N ALA B 419 -30.55 -3.49 -4.00
CA ALA B 419 -31.31 -3.81 -2.80
C ALA B 419 -31.53 -5.31 -2.65
N ASN B 420 -31.65 -5.74 -1.40
CA ASN B 420 -32.08 -7.11 -1.06
C ASN B 420 -31.11 -8.13 -1.62
N PHE B 421 -29.86 -7.73 -1.79
CA PHE B 421 -28.82 -8.60 -2.42
C PHE B 421 -29.26 -9.23 -3.78
N ASN B 422 -30.10 -8.51 -4.51
CA ASN B 422 -30.61 -8.97 -5.81
C ASN B 422 -29.50 -9.33 -6.79
N GLY B 423 -28.36 -8.63 -6.72
CA GLY B 423 -27.26 -8.95 -7.63
C GLY B 423 -26.67 -10.35 -7.38
N GLN B 424 -26.79 -10.87 -6.17
CA GLN B 424 -26.29 -12.23 -5.86
C GLN B 424 -27.37 -13.28 -6.05
N ASN B 425 -28.60 -12.82 -6.29
CA ASN B 425 -29.72 -13.73 -6.57
C ASN B 425 -29.61 -14.33 -7.96
N THR B 426 -29.40 -15.64 -8.04
CA THR B 426 -29.09 -16.24 -9.33
C THR B 426 -30.35 -16.38 -10.21
N GLU B 427 -31.53 -16.21 -9.64
CA GLU B 427 -32.72 -16.15 -10.51
C GLU B 427 -32.92 -14.71 -11.01
N ILE B 428 -32.85 -13.73 -10.12
CA ILE B 428 -33.09 -12.33 -10.50
C ILE B 428 -32.01 -11.79 -11.44
N ASN B 429 -30.76 -12.04 -11.09
CA ASN B 429 -29.58 -11.64 -11.88
C ASN B 429 -29.08 -12.79 -12.77
N ASN B 430 -30.00 -13.46 -13.45
CA ASN B 430 -29.59 -14.69 -14.17
C ASN B 430 -28.62 -14.39 -15.29
N MET B 431 -28.66 -13.18 -15.87
CA MET B 431 -27.68 -12.90 -16.93
C MET B 431 -26.24 -12.98 -16.45
N ASN B 432 -26.01 -12.85 -15.14
CA ASN B 432 -24.61 -12.96 -14.65
C ASN B 432 -24.19 -14.34 -14.12
N PHE B 433 -25.10 -15.32 -14.10
CA PHE B 433 -24.76 -16.64 -13.56
C PHE B 433 -25.21 -17.74 -14.53
N THR B 434 -24.27 -18.47 -15.08
CA THR B 434 -24.64 -19.60 -15.94
C THR B 434 -24.38 -20.87 -15.19
N LYS B 435 -25.43 -21.61 -14.87
CA LYS B 435 -25.28 -22.77 -14.04
C LYS B 435 -24.60 -23.87 -14.85
N LEU B 436 -23.65 -24.54 -14.24
CA LEU B 436 -23.09 -25.72 -14.87
C LEU B 436 -23.96 -26.93 -14.49
ZN ZN C . 0.96 25.88 0.16
C3 90J D . 3.69 27.13 7.60
C4 90J D . 3.00 26.81 6.28
C5 90J D . 3.83 27.28 5.31
C6 90J D . 1.74 26.11 6.16
C7 90J D . 0.76 26.27 7.16
C8 90J D . -0.44 25.56 7.11
C9 90J D . -0.69 24.70 6.02
C10 90J D . 0.26 24.54 5.00
C11 90J D . 1.47 25.24 5.09
O12 90J D . 1.89 28.60 3.75
S13 90J D . 3.23 25.94 1.26
F9 90J D . -1.81 24.02 5.96
N2 90J D . 4.85 27.77 7.37
N1 90J D . 5.03 27.98 5.93
C13 90J D . 2.67 27.65 1.65
C12 90J D . 2.73 27.95 3.14
N5 90J D . 3.70 27.23 3.83
ZN ZN E . -10.10 -23.17 3.23
C3 90J F . -14.09 -23.85 -3.74
C4 90J F . -13.54 -23.68 -2.36
C5 90J F . -12.68 -24.73 -2.19
C6 90J F . -13.89 -22.57 -1.47
C7 90J F . -12.95 -22.00 -0.58
C8 90J F . -13.32 -20.92 0.22
C9 90J F . -14.62 -20.37 0.13
C10 90J F . -15.56 -20.91 -0.76
C11 90J F . -15.17 -22.01 -1.55
O12 90J F . -13.13 -25.18 0.43
S13 90J F . -9.69 -23.86 1.04
F9 90J F . -14.97 -19.31 0.86
N2 90J F . -13.53 -24.90 -4.35
N1 90J F . -12.70 -25.62 -3.41
C13 90J F . -10.75 -25.38 1.10
C12 90J F . -11.95 -25.33 0.13
N5 90J F . -11.65 -25.03 -1.18
#